data_7D6X
#
_entry.id   7D6X
#
_cell.length_a   1.00
_cell.length_b   1.00
_cell.length_c   1.00
_cell.angle_alpha   90.00
_cell.angle_beta   90.00
_cell.angle_gamma   90.00
#
_symmetry.space_group_name_H-M   'P 1'
#
loop_
_entity.id
_entity.type
_entity.pdbx_description
1 polymer 'Succinate dehydrogenase subunit A'
2 polymer 'Fumarate reductase iron-sulfur subunit'
3 polymer 'Succinate dehydrogenase (Membrane anchor subunit)'
4 non-polymer 'FLAVIN-ADENINE DINUCLEOTIDE'
5 non-polymer 'FE2/S2 (INORGANIC) CLUSTER'
6 non-polymer 'IRON/SULFUR CLUSTER'
7 non-polymer 'FE3-S4 CLUSTER'
8 non-polymer '(1S)-2-{[(2-AMINOETHOXY)(HYDROXY)PHOSPHORYL]OXY}-1-[(PALMITOYLOXY)METHYL]ETHYL STEARATE'
#
loop_
_entity_poly.entity_id
_entity_poly.type
_entity_poly.pdbx_seq_one_letter_code
_entity_poly.pdbx_strand_id
1 'polypeptide(L)'
;MSELERHSYDVVVIGAGGAGLRAVIEARERGLRVAVVTKSLFGKAHTVMAEGGCAAAMRNVNTKDSWQVHFGDTMRGGKF
LNNWRMAELHAQEAPDRVWELETYGALFDRTKDGKISQRNFGGHTYPRLAHVGDRTGLEIIRTLQQKIVSLQQEDKRELG
DYEARIRVFHETSITELILDDGKIAGAFGYYRETGNFVLFEAPAVVLATGGIGKSFKVSSNSWEYTGDGHALALRAGSAL
INMEFIQFHPTGMVWPLSVKGILVTEGVRGDGGVLKNSEGKRFMFDYIPSVFKGQYAETEEEADQWLKDNDSARRTPDLL
PRDEVARAINAEVKAGRGSPHGGVYLDIASRMPAEEIKRRLPSMYHQFIELAEVDITKDAMEVGPTCHYVMGGIEVDPDT
AAGATPGLFAAGECSGGMHGSNRLGGNSLSDLLVFGRRAGLGAADYVRALPDRPKVSEAAVEDATRLVLAPFEPKAEPEN
PYTLHAELQQSMNDLVGIIRKEAEIQEALDRLQELKRRYANVTVEGGRVFNPGWHLAIDMRNMLLVSECVAKAALQRTES
RGGHTRDDYPEMDANWRNTLLVCRVSGGDPVVPDVTVTPEQQVPMRPDLLGCFELSELEKYYTPEELAEHPERKG
;
A
2 'polypeptide(L)'
;MATYDAKLRVWRGDDTGGELHDYTVEVNDGEVVLDIIHRLQATQTPDLAVRWNCKAGKCGSCSAEINGRPRLMCMTRMST
FGEDEVVTVTPLRTFPVMRDLVTDVSFNYEKARQIPSFTPPKDLQPGEYRMQQEDVNRSQEFRKCIECFLCQNVCHVVRD
HEENKENFAGPRFHMRIAELDMHPLDTVDRKEMAQDEFGLGYCNITKCCTEVCPEHIKITDNALIPMKERVADRKYDPIV
WLGNKLFRR
;
B
3 'polypeptide(L)'
;MSAPTADRRATGVFSPRRAQIPERTLRTDRWWQAPLLTNLGLAAFVIYATIRAFWGSAYWVADYHYLTPFYSPCVSTACA
PGSSHFGQWVGDLPWFIPMAFISLPFLLAFRLTCYYYRKAYYRSVWQSPTACAVAEPHAKYTGETRFPLILQNIHRYFFY
AAVLISLVNTYDAITAFHSPSGFGFGLGNVILTGNVILLWVYTLSCHSCRHVTGGRLKHFSKHPVRYWIWTQVSKLNTRH
MLFAWITLGTLVLTDFYIMLVASGTISDLRFIGHHHHHHHHHH
;
C
#
# COMPACT_ATOMS: atom_id res chain seq x y z
N LEU A 4 -2.60 -31.50 17.28
CA LEU A 4 -3.14 -30.54 16.34
C LEU A 4 -4.40 -29.94 16.91
N GLU A 5 -4.79 -28.76 16.43
CA GLU A 5 -6.05 -28.16 16.87
C GLU A 5 -7.06 -28.24 15.73
N ARG A 6 -8.29 -28.56 16.09
CA ARG A 6 -9.36 -28.84 15.13
C ARG A 6 -10.42 -27.77 15.21
N HIS A 7 -10.89 -27.34 14.04
CA HIS A 7 -11.92 -26.31 13.93
C HIS A 7 -12.98 -26.81 12.96
N SER A 8 -14.23 -26.86 13.41
CA SER A 8 -15.33 -27.33 12.59
C SER A 8 -16.09 -26.14 12.03
N TYR A 9 -16.20 -26.07 10.70
CA TYR A 9 -16.88 -24.97 10.05
C TYR A 9 -17.82 -25.47 8.97
N ASP A 10 -18.36 -24.55 8.17
CA ASP A 10 -19.18 -24.89 7.02
C ASP A 10 -18.43 -24.74 5.71
N VAL A 11 -17.66 -23.67 5.56
CA VAL A 11 -16.83 -23.42 4.39
C VAL A 11 -15.46 -22.97 4.86
N VAL A 12 -14.42 -23.40 4.17
CA VAL A 12 -13.07 -22.88 4.34
C VAL A 12 -12.65 -22.25 3.03
N VAL A 13 -12.17 -21.02 3.08
CA VAL A 13 -11.70 -20.29 1.91
C VAL A 13 -10.20 -20.14 2.05
N ILE A 14 -9.44 -20.86 1.22
CA ILE A 14 -7.97 -20.86 1.33
C ILE A 14 -7.48 -19.70 0.49
N GLY A 15 -7.52 -18.51 1.07
CA GLY A 15 -7.02 -17.35 0.38
C GLY A 15 -7.87 -16.12 0.61
N ALA A 16 -7.22 -15.01 0.96
CA ALA A 16 -7.90 -13.75 1.18
C ALA A 16 -7.32 -12.73 0.19
N GLY A 17 -7.81 -12.78 -1.03
CA GLY A 17 -7.43 -11.80 -2.03
C GLY A 17 -8.64 -11.01 -2.45
N GLY A 18 -8.96 -11.02 -3.73
CA GLY A 18 -10.22 -10.46 -4.17
C GLY A 18 -11.29 -11.53 -4.21
N ALA A 19 -10.96 -12.62 -4.91
CA ALA A 19 -11.91 -13.72 -5.03
C ALA A 19 -12.23 -14.33 -3.68
N GLY A 20 -11.21 -14.56 -2.87
CA GLY A 20 -11.43 -15.18 -1.57
C GLY A 20 -12.31 -14.34 -0.67
N LEU A 21 -12.05 -13.04 -0.61
CA LEU A 21 -12.81 -12.17 0.27
C LEU A 21 -14.24 -11.98 -0.22
N ARG A 22 -14.44 -11.86 -1.55
CA ARG A 22 -15.80 -11.75 -2.06
C ARG A 22 -16.58 -13.03 -1.80
N ALA A 23 -15.93 -14.18 -1.92
CA ALA A 23 -16.59 -15.44 -1.63
C ALA A 23 -16.95 -15.54 -0.15
N VAL A 24 -16.06 -15.07 0.72
CA VAL A 24 -16.35 -15.06 2.15
C VAL A 24 -17.58 -14.22 2.44
N ILE A 25 -17.63 -13.02 1.85
CA ILE A 25 -18.78 -12.15 2.05
C ILE A 25 -20.06 -12.84 1.60
N GLU A 26 -20.08 -13.37 0.38
CA GLU A 26 -21.31 -13.94 -0.14
C GLU A 26 -21.73 -15.19 0.64
N ALA A 27 -20.78 -16.01 1.06
CA ALA A 27 -21.12 -17.20 1.84
C ALA A 27 -21.64 -16.81 3.22
N ARG A 28 -21.12 -15.73 3.79
CA ARG A 28 -21.63 -15.28 5.09
C ARG A 28 -23.07 -14.80 4.99
N GLU A 29 -23.38 -14.00 3.96
CA GLU A 29 -24.76 -13.50 3.90
C GLU A 29 -25.75 -14.54 3.37
N ARG A 30 -25.26 -15.59 2.71
CA ARG A 30 -26.15 -16.73 2.48
C ARG A 30 -26.46 -17.46 3.79
N GLY A 31 -25.59 -17.31 4.78
CA GLY A 31 -25.79 -17.76 6.14
C GLY A 31 -25.08 -19.06 6.42
N LEU A 32 -23.85 -18.96 6.91
CA LEU A 32 -22.97 -20.11 7.09
C LEU A 32 -21.79 -19.67 7.96
N ARG A 33 -21.06 -20.62 8.52
CA ARG A 33 -19.88 -20.34 9.31
C ARG A 33 -18.65 -20.52 8.45
N VAL A 34 -17.88 -19.45 8.29
CA VAL A 34 -16.84 -19.38 7.28
C VAL A 34 -15.50 -19.18 7.98
N ALA A 35 -14.49 -19.91 7.55
CA ALA A 35 -13.11 -19.73 7.97
C ALA A 35 -12.31 -19.22 6.78
N VAL A 36 -11.44 -18.26 7.02
CA VAL A 36 -10.62 -17.66 5.97
C VAL A 36 -9.17 -17.92 6.33
N VAL A 37 -8.48 -18.70 5.51
CA VAL A 37 -7.10 -19.08 5.75
C VAL A 37 -6.22 -18.30 4.78
N THR A 38 -5.21 -17.62 5.32
CA THR A 38 -4.34 -16.77 4.53
C THR A 38 -2.90 -17.15 4.82
N LYS A 39 -2.07 -17.16 3.78
CA LYS A 39 -0.65 -17.44 3.97
C LYS A 39 0.07 -16.25 4.58
N SER A 40 -0.42 -15.05 4.34
CA SER A 40 0.19 -13.81 4.78
C SER A 40 -0.77 -13.08 5.72
N LEU A 41 -0.41 -11.86 6.08
CA LEU A 41 -1.26 -11.07 6.94
C LEU A 41 -2.57 -10.71 6.22
N PHE A 42 -3.56 -10.30 7.01
CA PHE A 42 -4.86 -9.97 6.47
C PHE A 42 -4.79 -8.70 5.63
N GLY A 43 -5.11 -8.81 4.35
CA GLY A 43 -5.11 -7.67 3.46
C GLY A 43 -3.81 -7.37 2.77
N LYS A 44 -2.88 -8.32 2.75
CA LYS A 44 -1.59 -8.14 2.09
C LYS A 44 -1.40 -9.13 0.95
N ALA A 45 -2.50 -9.49 0.29
CA ALA A 45 -2.47 -10.44 -0.80
C ALA A 45 -1.82 -9.81 -2.03
N HIS A 46 -1.72 -10.59 -3.11
CA HIS A 46 -1.12 -10.07 -4.34
C HIS A 46 -2.01 -9.05 -5.03
N THR A 47 -3.28 -8.96 -4.65
CA THR A 47 -4.17 -8.01 -5.30
C THR A 47 -3.74 -6.56 -5.05
N VAL A 48 -3.01 -6.32 -3.95
CA VAL A 48 -2.58 -4.96 -3.64
C VAL A 48 -1.64 -4.40 -4.69
N MET A 49 -1.04 -5.25 -5.51
CA MET A 49 -0.09 -4.79 -6.51
C MET A 49 -0.76 -4.37 -7.81
N ALA A 50 -2.00 -4.78 -8.04
CA ALA A 50 -2.71 -4.40 -9.25
C ALA A 50 -2.88 -2.90 -9.32
N GLU A 51 -2.68 -2.34 -10.51
CA GLU A 51 -2.69 -0.88 -10.70
C GLU A 51 -3.51 -0.52 -11.92
N GLY A 52 -4.39 -1.41 -12.36
CA GLY A 52 -5.15 -1.16 -13.55
C GLY A 52 -6.55 -0.65 -13.26
N GLY A 53 -7.54 -1.52 -13.45
CA GLY A 53 -8.91 -1.15 -13.19
C GLY A 53 -9.79 -2.37 -13.27
N CYS A 54 -11.08 -2.16 -13.08
CA CYS A 54 -12.08 -3.20 -13.21
C CYS A 54 -12.87 -2.95 -14.50
N ALA A 55 -12.67 -3.79 -15.49
CA ALA A 55 -13.44 -3.69 -16.72
C ALA A 55 -14.91 -3.96 -16.41
N ALA A 56 -15.75 -2.94 -16.57
CA ALA A 56 -17.17 -3.08 -16.29
C ALA A 56 -17.93 -2.17 -17.24
N ALA A 57 -18.87 -2.75 -17.98
CA ALA A 57 -19.67 -2.01 -18.95
C ALA A 57 -20.76 -1.19 -18.25
N MET A 58 -20.31 -0.25 -17.43
CA MET A 58 -21.20 0.62 -16.67
C MET A 58 -21.79 1.75 -17.51
N ARG A 59 -21.17 2.06 -18.66
CA ARG A 59 -21.65 3.10 -19.57
C ARG A 59 -21.68 4.47 -18.89
N ASN A 60 -20.64 4.76 -18.10
CA ASN A 60 -20.55 6.06 -17.45
C ASN A 60 -19.94 7.10 -18.37
N VAL A 61 -18.92 6.73 -19.14
CA VAL A 61 -18.27 7.69 -20.03
C VAL A 61 -19.06 7.84 -21.32
N ASN A 62 -19.17 6.75 -22.09
CA ASN A 62 -20.00 6.76 -23.29
C ASN A 62 -21.01 5.63 -23.22
N THR A 63 -22.23 5.92 -23.64
CA THR A 63 -23.36 5.03 -23.44
C THR A 63 -23.54 4.02 -24.55
N LYS A 64 -22.66 4.01 -25.56
CA LYS A 64 -22.74 2.98 -26.58
C LYS A 64 -22.11 1.68 -26.12
N ASP A 65 -21.51 1.65 -24.94
CA ASP A 65 -21.00 0.41 -24.36
C ASP A 65 -22.14 -0.56 -24.13
N SER A 66 -21.79 -1.78 -23.78
CA SER A 66 -22.76 -2.86 -23.64
C SER A 66 -22.04 -4.05 -23.02
N TRP A 67 -22.82 -5.05 -22.63
CA TRP A 67 -22.22 -6.32 -22.25
C TRP A 67 -21.95 -7.19 -23.46
N GLN A 68 -22.60 -6.91 -24.59
CA GLN A 68 -22.32 -7.64 -25.81
C GLN A 68 -20.96 -7.26 -26.37
N VAL A 69 -20.64 -5.97 -26.39
CA VAL A 69 -19.33 -5.56 -26.91
C VAL A 69 -18.24 -5.98 -25.93
N HIS A 70 -18.55 -6.03 -24.63
CA HIS A 70 -17.57 -6.52 -23.66
C HIS A 70 -17.33 -8.01 -23.84
N PHE A 71 -18.39 -8.78 -24.09
CA PHE A 71 -18.23 -10.20 -24.37
C PHE A 71 -17.42 -10.42 -25.64
N GLY A 72 -17.70 -9.63 -26.68
CA GLY A 72 -16.92 -9.74 -27.90
C GLY A 72 -15.46 -9.40 -27.69
N ASP A 73 -15.19 -8.39 -26.86
CA ASP A 73 -13.81 -8.01 -26.59
C ASP A 73 -13.09 -9.09 -25.80
N THR A 74 -13.78 -9.73 -24.86
CA THR A 74 -13.15 -10.80 -24.10
C THR A 74 -12.87 -12.01 -24.98
N MET A 75 -13.76 -12.29 -25.93
CA MET A 75 -13.54 -13.46 -26.79
C MET A 75 -12.46 -13.18 -27.83
N ARG A 76 -12.38 -11.95 -28.33
CA ARG A 76 -11.32 -11.61 -29.28
C ARG A 76 -9.95 -11.67 -28.61
N GLY A 77 -9.83 -11.09 -27.43
CA GLY A 77 -8.55 -11.08 -26.74
C GLY A 77 -8.04 -12.45 -26.37
N GLY A 78 -8.94 -13.40 -26.15
CA GLY A 78 -8.56 -14.76 -25.86
C GLY A 78 -8.47 -15.66 -27.08
N LYS A 79 -8.56 -15.08 -28.28
CA LYS A 79 -8.44 -15.82 -29.53
C LYS A 79 -9.48 -16.92 -29.65
N PHE A 80 -10.66 -16.68 -29.07
CA PHE A 80 -11.81 -17.59 -29.14
C PHE A 80 -11.49 -18.96 -28.56
N LEU A 81 -10.67 -18.98 -27.52
CA LEU A 81 -10.44 -20.18 -26.72
C LEU A 81 -11.10 -20.10 -25.36
N ASN A 82 -11.73 -18.98 -25.04
CA ASN A 82 -12.33 -18.76 -23.74
C ASN A 82 -13.46 -19.74 -23.48
N ASN A 83 -13.77 -19.93 -22.19
CA ASN A 83 -15.03 -20.53 -21.80
C ASN A 83 -16.13 -19.51 -22.04
N TRP A 84 -16.95 -19.74 -23.05
CA TRP A 84 -17.89 -18.71 -23.47
C TRP A 84 -18.92 -18.41 -22.41
N ARG A 85 -19.30 -19.41 -21.61
CA ARG A 85 -20.26 -19.18 -20.55
C ARG A 85 -19.69 -18.27 -19.46
N MET A 86 -18.45 -18.54 -19.05
CA MET A 86 -17.82 -17.71 -18.04
C MET A 86 -17.59 -16.29 -18.55
N ALA A 87 -17.23 -16.15 -19.82
CA ALA A 87 -17.03 -14.82 -20.39
C ALA A 87 -18.33 -14.05 -20.49
N GLU A 88 -19.39 -14.71 -20.96
CA GLU A 88 -20.72 -14.09 -20.97
C GLU A 88 -21.13 -13.64 -19.58
N LEU A 89 -20.95 -14.52 -18.60
CA LEU A 89 -21.39 -14.24 -17.24
C LEU A 89 -20.63 -13.05 -16.67
N HIS A 90 -19.32 -13.02 -16.88
CA HIS A 90 -18.51 -11.91 -16.38
C HIS A 90 -18.86 -10.62 -17.10
N ALA A 91 -19.16 -10.70 -18.40
CA ALA A 91 -19.51 -9.49 -19.14
C ALA A 91 -20.81 -8.90 -18.64
N GLN A 92 -21.81 -9.74 -18.38
CA GLN A 92 -23.12 -9.21 -17.99
C GLN A 92 -23.30 -9.08 -16.49
N GLU A 93 -22.31 -9.43 -15.68
CA GLU A 93 -22.42 -9.26 -14.24
C GLU A 93 -21.37 -8.34 -13.62
N ALA A 94 -20.39 -7.89 -14.39
CA ALA A 94 -19.34 -7.06 -13.81
C ALA A 94 -19.79 -5.69 -13.36
N PRO A 95 -20.71 -4.98 -14.05
CA PRO A 95 -21.14 -3.67 -13.53
C PRO A 95 -21.71 -3.71 -12.11
N ASP A 96 -22.51 -4.72 -11.80
CA ASP A 96 -23.16 -4.77 -10.49
C ASP A 96 -22.15 -4.99 -9.38
N ARG A 97 -21.09 -5.75 -9.64
CA ARG A 97 -20.08 -5.98 -8.61
C ARG A 97 -19.34 -4.70 -8.29
N VAL A 98 -18.96 -3.94 -9.31
CA VAL A 98 -18.27 -2.67 -9.07
C VAL A 98 -19.22 -1.68 -8.41
N TRP A 99 -20.50 -1.72 -8.76
CA TRP A 99 -21.45 -0.80 -8.15
C TRP A 99 -21.68 -1.11 -6.69
N GLU A 100 -21.66 -2.39 -6.33
CA GLU A 100 -21.81 -2.73 -4.92
C GLU A 100 -20.52 -2.60 -4.14
N LEU A 101 -19.37 -2.53 -4.81
CA LEU A 101 -18.13 -2.20 -4.10
C LEU A 101 -18.22 -0.84 -3.43
N GLU A 102 -18.83 0.14 -4.10
CA GLU A 102 -18.88 1.48 -3.55
C GLU A 102 -19.95 1.64 -2.47
N THR A 103 -20.80 0.63 -2.27
CA THR A 103 -21.65 0.60 -1.09
C THR A 103 -20.94 0.03 0.12
N TYR A 104 -19.74 -0.54 -0.07
CA TYR A 104 -18.91 -1.02 1.02
C TYR A 104 -17.95 0.05 1.51
N GLY A 105 -17.92 1.21 0.87
CA GLY A 105 -17.06 2.30 1.28
C GLY A 105 -15.98 2.67 0.30
N ALA A 106 -15.95 2.05 -0.88
CA ALA A 106 -14.90 2.34 -1.86
C ALA A 106 -15.08 3.72 -2.47
N LEU A 107 -13.97 4.36 -2.80
CA LEU A 107 -13.96 5.69 -3.38
C LEU A 107 -13.12 5.67 -4.64
N PHE A 108 -13.77 5.52 -5.79
CA PHE A 108 -13.08 5.58 -7.06
C PHE A 108 -12.91 7.01 -7.51
N ASP A 109 -12.33 7.20 -8.69
CA ASP A 109 -12.28 8.52 -9.29
C ASP A 109 -13.63 8.85 -9.92
N ARG A 110 -14.02 10.10 -9.83
CA ARG A 110 -15.37 10.52 -10.19
C ARG A 110 -15.35 11.33 -11.47
N THR A 111 -16.47 11.29 -12.19
CA THR A 111 -16.63 12.09 -13.39
C THR A 111 -17.14 13.48 -13.01
N LYS A 112 -17.48 14.30 -14.00
CA LYS A 112 -18.13 15.56 -13.73
C LYS A 112 -19.59 15.40 -13.34
N ASP A 113 -20.12 14.18 -13.41
CA ASP A 113 -21.51 13.92 -13.06
C ASP A 113 -21.65 13.24 -11.71
N GLY A 114 -20.56 12.71 -11.17
CA GLY A 114 -20.60 11.98 -9.91
C GLY A 114 -20.49 10.49 -10.06
N LYS A 115 -20.52 9.97 -11.28
CA LYS A 115 -20.40 8.54 -11.52
C LYS A 115 -18.93 8.14 -11.48
N ILE A 116 -18.71 6.82 -11.52
CA ILE A 116 -17.35 6.28 -11.47
C ILE A 116 -16.65 6.53 -12.80
N SER A 117 -15.41 6.99 -12.74
CA SER A 117 -14.66 7.32 -13.93
C SER A 117 -14.02 6.08 -14.53
N GLN A 118 -13.98 6.02 -15.85
CA GLN A 118 -13.51 4.84 -16.58
C GLN A 118 -12.40 5.23 -17.55
N ARG A 119 -11.38 4.39 -17.62
CA ARG A 119 -10.21 4.61 -18.46
C ARG A 119 -10.35 3.87 -19.78
N ASN A 120 -9.44 4.17 -20.69
CA ASN A 120 -9.24 3.39 -21.91
C ASN A 120 -8.13 2.39 -21.71
N PHE A 121 -8.23 1.27 -22.41
CA PHE A 121 -7.17 0.27 -22.42
C PHE A 121 -7.13 -0.33 -23.81
N GLY A 122 -6.10 -1.15 -24.05
CA GLY A 122 -5.82 -1.68 -25.37
C GLY A 122 -6.91 -2.54 -25.98
N GLY A 123 -7.19 -3.69 -25.36
CA GLY A 123 -8.13 -4.61 -25.95
C GLY A 123 -9.57 -4.19 -25.91
N HIS A 124 -9.91 -3.18 -25.13
CA HIS A 124 -11.28 -2.76 -24.93
C HIS A 124 -11.69 -1.74 -25.97
N THR A 125 -12.86 -1.95 -26.58
CA THR A 125 -13.34 -1.04 -27.61
C THR A 125 -13.75 0.31 -27.02
N TYR A 126 -14.28 0.32 -25.81
CA TYR A 126 -14.83 1.49 -25.17
C TYR A 126 -14.18 1.70 -23.80
N PRO A 127 -14.29 2.89 -23.23
CA PRO A 127 -13.72 3.12 -21.88
C PRO A 127 -14.48 2.33 -20.83
N ARG A 128 -13.77 1.41 -20.16
CA ARG A 128 -14.44 0.49 -19.25
C ARG A 128 -13.81 0.45 -17.87
N LEU A 129 -12.50 0.67 -17.79
CA LEU A 129 -11.74 0.35 -16.59
C LEU A 129 -12.03 1.36 -15.49
N ALA A 130 -12.79 0.96 -14.49
CA ALA A 130 -13.01 1.80 -13.32
C ALA A 130 -11.77 1.81 -12.44
N HIS A 131 -11.32 2.99 -12.07
CA HIS A 131 -10.01 3.13 -11.43
C HIS A 131 -10.07 4.16 -10.31
N VAL A 132 -9.02 4.14 -9.50
CA VAL A 132 -8.75 5.21 -8.54
C VAL A 132 -7.25 5.48 -8.54
N GLY A 133 -6.85 6.55 -9.21
CA GLY A 133 -5.43 6.80 -9.40
C GLY A 133 -4.79 5.62 -10.10
N ASP A 134 -3.68 5.13 -9.55
CA ASP A 134 -3.04 3.92 -10.03
C ASP A 134 -2.93 2.89 -8.91
N ARG A 135 -3.89 2.90 -7.98
CA ARG A 135 -3.96 1.93 -6.89
C ARG A 135 -5.39 1.41 -6.85
N THR A 136 -5.70 0.46 -7.72
CA THR A 136 -7.05 -0.08 -7.76
C THR A 136 -7.20 -1.38 -7.00
N GLY A 137 -6.21 -2.27 -7.10
CA GLY A 137 -6.23 -3.46 -6.28
C GLY A 137 -6.17 -3.15 -4.80
N LEU A 138 -5.41 -2.12 -4.43
CA LEU A 138 -5.35 -1.71 -3.03
C LEU A 138 -6.72 -1.26 -2.55
N GLU A 139 -7.41 -0.44 -3.34
CA GLU A 139 -8.76 -0.01 -2.98
C GLU A 139 -9.70 -1.18 -2.85
N ILE A 140 -9.65 -2.12 -3.80
CA ILE A 140 -10.55 -3.26 -3.76
C ILE A 140 -10.31 -4.10 -2.52
N ILE A 141 -9.05 -4.39 -2.23
CA ILE A 141 -8.75 -5.29 -1.12
C ILE A 141 -9.01 -4.61 0.22
N ARG A 142 -8.77 -3.29 0.31
CA ARG A 142 -9.14 -2.56 1.52
C ARG A 142 -10.64 -2.59 1.72
N THR A 143 -11.40 -2.36 0.65
CA THR A 143 -12.86 -2.37 0.76
C THR A 143 -13.37 -3.71 1.23
N LEU A 144 -12.84 -4.79 0.67
CA LEU A 144 -13.32 -6.11 1.04
C LEU A 144 -12.92 -6.46 2.48
N GLN A 145 -11.70 -6.13 2.88
CA GLN A 145 -11.27 -6.41 4.25
C GLN A 145 -12.09 -5.63 5.26
N GLN A 146 -12.32 -4.34 5.00
CA GLN A 146 -13.10 -3.55 5.93
C GLN A 146 -14.57 -3.94 5.92
N LYS A 147 -15.07 -4.49 4.81
CA LYS A 147 -16.42 -5.03 4.80
C LYS A 147 -16.51 -6.29 5.64
N ILE A 148 -15.48 -7.13 5.60
CA ILE A 148 -15.44 -8.29 6.49
C ILE A 148 -15.47 -7.85 7.95
N VAL A 149 -14.68 -6.82 8.27
CA VAL A 149 -14.66 -6.33 9.65
C VAL A 149 -16.01 -5.76 10.04
N SER A 150 -16.69 -5.08 9.13
CA SER A 150 -18.04 -4.59 9.38
C SER A 150 -18.99 -5.74 9.68
N LEU A 151 -18.89 -6.82 8.90
CA LEU A 151 -19.77 -7.97 9.08
C LEU A 151 -19.55 -8.61 10.43
N GLN A 152 -18.30 -8.69 10.88
CA GLN A 152 -18.09 -9.31 12.17
C GLN A 152 -18.36 -8.36 13.33
N GLN A 153 -18.36 -7.04 13.09
CA GLN A 153 -18.92 -6.11 14.07
C GLN A 153 -20.41 -6.31 14.24
N GLU A 154 -21.12 -6.53 13.12
CA GLU A 154 -22.54 -6.88 13.22
C GLU A 154 -22.73 -8.21 13.95
N ASP A 155 -21.87 -9.19 13.68
CA ASP A 155 -21.91 -10.43 14.42
C ASP A 155 -21.75 -10.18 15.91
N LYS A 156 -20.79 -9.34 16.29
CA LYS A 156 -20.60 -9.01 17.70
C LYS A 156 -21.85 -8.38 18.29
N ARG A 157 -22.48 -7.47 17.55
CA ARG A 157 -23.63 -6.76 18.08
C ARG A 157 -24.85 -7.67 18.25
N GLU A 158 -25.15 -8.50 17.25
CA GLU A 158 -26.35 -9.33 17.31
C GLU A 158 -26.12 -10.72 17.89
N LEU A 159 -25.12 -11.46 17.43
CA LEU A 159 -24.90 -12.81 17.93
C LEU A 159 -24.15 -12.83 19.26
N GLY A 160 -23.21 -11.91 19.47
CA GLY A 160 -22.51 -11.82 20.74
C GLY A 160 -21.02 -12.11 20.71
N ASP A 161 -20.44 -12.41 19.54
CA ASP A 161 -19.02 -12.67 19.42
C ASP A 161 -18.55 -12.19 18.06
N TYR A 162 -17.33 -11.65 18.02
CA TYR A 162 -16.79 -11.13 16.77
C TYR A 162 -16.64 -12.23 15.73
N GLU A 163 -16.33 -13.45 16.15
CA GLU A 163 -16.06 -14.55 15.25
C GLU A 163 -17.11 -15.64 15.35
N ALA A 164 -18.38 -15.23 15.41
CA ALA A 164 -19.46 -16.20 15.45
C ALA A 164 -19.74 -16.80 14.09
N ARG A 165 -19.51 -16.04 13.02
CA ARG A 165 -19.72 -16.50 11.65
C ARG A 165 -18.42 -16.57 10.87
N ILE A 166 -17.64 -15.50 10.87
CA ILE A 166 -16.39 -15.42 10.11
C ILE A 166 -15.23 -15.40 11.09
N ARG A 167 -14.23 -16.23 10.83
CA ARG A 167 -12.97 -16.17 11.55
C ARG A 167 -11.83 -16.17 10.54
N VAL A 168 -10.86 -15.29 10.74
CA VAL A 168 -9.74 -15.13 9.82
C VAL A 168 -8.50 -15.73 10.46
N PHE A 169 -7.98 -16.79 9.85
CA PHE A 169 -6.73 -17.41 10.28
C PHE A 169 -5.61 -16.93 9.36
N HIS A 170 -5.12 -15.72 9.61
CA HIS A 170 -4.06 -15.25 8.74
C HIS A 170 -2.72 -15.86 9.16
N GLU A 171 -1.78 -15.86 8.21
CA GLU A 171 -0.48 -16.50 8.38
C GLU A 171 -0.64 -17.97 8.75
N THR A 172 -1.47 -18.67 8.00
CA THR A 172 -1.68 -20.10 8.13
C THR A 172 -1.62 -20.72 6.74
N SER A 173 -0.75 -21.70 6.56
CA SER A 173 -0.53 -22.33 5.27
C SER A 173 -1.21 -23.70 5.23
N ILE A 174 -1.96 -23.96 4.16
CA ILE A 174 -2.67 -25.21 3.96
C ILE A 174 -1.82 -26.12 3.08
N THR A 175 -1.65 -27.37 3.49
CA THR A 175 -0.79 -28.29 2.78
C THR A 175 -1.51 -29.43 2.09
N GLU A 176 -2.59 -29.95 2.67
CA GLU A 176 -3.35 -31.02 2.06
C GLU A 176 -4.84 -30.76 2.24
N LEU A 177 -5.65 -31.42 1.42
CA LEU A 177 -7.09 -31.42 1.53
C LEU A 177 -7.53 -32.83 1.88
N ILE A 178 -8.15 -32.99 3.05
CA ILE A 178 -8.60 -34.30 3.50
C ILE A 178 -9.85 -34.69 2.75
N LEU A 179 -9.91 -35.93 2.30
CA LEU A 179 -11.03 -36.46 1.53
C LEU A 179 -11.72 -37.57 2.32
N ASP A 180 -13.02 -37.72 2.09
CA ASP A 180 -13.82 -38.74 2.76
C ASP A 180 -13.93 -40.02 1.93
N ASP A 181 -14.59 -39.95 0.78
CA ASP A 181 -14.61 -41.02 -0.20
C ASP A 181 -14.54 -40.43 -1.61
N GLY A 182 -13.84 -39.32 -1.75
CA GLY A 182 -13.89 -38.49 -2.94
C GLY A 182 -14.44 -37.12 -2.69
N LYS A 183 -15.17 -36.93 -1.59
CA LYS A 183 -15.73 -35.64 -1.23
C LYS A 183 -14.82 -34.93 -0.24
N ILE A 184 -14.73 -33.61 -0.38
CA ILE A 184 -13.92 -32.82 0.53
C ILE A 184 -14.45 -32.99 1.95
N ALA A 185 -13.56 -33.26 2.88
CA ALA A 185 -13.93 -33.41 4.28
C ALA A 185 -13.14 -32.51 5.22
N GLY A 186 -12.16 -31.78 4.74
CA GLY A 186 -11.38 -30.93 5.61
C GLY A 186 -10.20 -30.31 4.87
N ALA A 187 -9.30 -29.72 5.66
CA ALA A 187 -8.10 -29.09 5.13
C ALA A 187 -7.05 -29.03 6.21
N PHE A 188 -5.91 -29.68 5.97
CA PHE A 188 -4.83 -29.77 6.94
C PHE A 188 -3.79 -28.72 6.62
N GLY A 189 -3.27 -28.06 7.66
CA GLY A 189 -2.26 -27.04 7.45
C GLY A 189 -1.45 -26.77 8.69
N TYR A 190 -0.65 -25.71 8.68
CA TYR A 190 0.16 -25.36 9.84
C TYR A 190 0.19 -23.84 10.02
N TYR A 191 0.47 -23.42 11.25
CA TYR A 191 0.68 -22.03 11.56
C TYR A 191 2.12 -21.64 11.26
N ARG A 192 2.31 -20.55 10.53
CA ARG A 192 3.68 -20.11 10.23
C ARG A 192 4.41 -19.67 11.48
N GLU A 193 3.67 -19.09 12.45
CA GLU A 193 4.31 -18.53 13.63
C GLU A 193 4.84 -19.63 14.56
N THR A 194 4.01 -20.63 14.85
CA THR A 194 4.36 -21.65 15.82
C THR A 194 4.77 -22.98 15.22
N GLY A 195 4.47 -23.21 13.95
CA GLY A 195 4.76 -24.50 13.35
C GLY A 195 3.85 -25.61 13.80
N ASN A 196 2.70 -25.28 14.38
CA ASN A 196 1.74 -26.25 14.88
C ASN A 196 0.71 -26.57 13.82
N PHE A 197 0.05 -27.71 13.98
CA PHE A 197 -0.83 -28.24 12.94
C PHE A 197 -2.29 -27.94 13.22
N VAL A 198 -3.01 -27.59 12.15
CA VAL A 198 -4.41 -27.18 12.21
C VAL A 198 -5.19 -28.08 11.28
N LEU A 199 -6.38 -28.47 11.69
CA LEU A 199 -7.29 -29.23 10.85
C LEU A 199 -8.65 -28.54 10.85
N PHE A 200 -9.06 -28.04 9.70
CA PHE A 200 -10.38 -27.47 9.51
C PHE A 200 -11.31 -28.55 9.01
N GLU A 201 -12.40 -28.81 9.73
CA GLU A 201 -13.34 -29.86 9.33
C GLU A 201 -14.57 -29.22 8.67
N ALA A 202 -14.45 -28.97 7.38
CA ALA A 202 -15.53 -28.38 6.63
C ALA A 202 -15.86 -29.22 5.40
N PRO A 203 -17.14 -29.31 5.02
CA PRO A 203 -17.50 -30.12 3.85
C PRO A 203 -17.31 -29.41 2.52
N ALA A 204 -17.06 -28.11 2.52
CA ALA A 204 -16.89 -27.34 1.30
C ALA A 204 -15.64 -26.50 1.39
N VAL A 205 -14.95 -26.35 0.27
CA VAL A 205 -13.70 -25.61 0.20
C VAL A 205 -13.70 -24.75 -1.06
N VAL A 206 -13.36 -23.48 -0.90
CA VAL A 206 -13.22 -22.53 -2.01
C VAL A 206 -11.74 -22.17 -2.10
N LEU A 207 -11.06 -22.67 -3.13
CA LEU A 207 -9.61 -22.49 -3.17
C LEU A 207 -9.20 -21.04 -3.33
N ALA A 208 -9.41 -20.43 -4.49
CA ALA A 208 -9.06 -19.03 -4.74
C ALA A 208 -7.67 -18.67 -4.21
N THR A 209 -6.64 -19.37 -4.72
CA THR A 209 -5.30 -19.17 -4.19
C THR A 209 -4.48 -18.16 -5.00
N GLY A 210 -4.27 -18.40 -6.29
CA GLY A 210 -3.48 -17.47 -7.08
C GLY A 210 -2.63 -18.12 -8.14
N GLY A 211 -1.50 -17.49 -8.48
CA GLY A 211 -0.69 -17.89 -9.60
C GLY A 211 0.44 -18.84 -9.23
N ILE A 212 1.37 -18.97 -10.17
CA ILE A 212 2.47 -19.93 -10.05
C ILE A 212 3.80 -19.24 -10.34
N GLY A 213 3.86 -17.93 -10.16
CA GLY A 213 4.95 -17.15 -10.69
C GLY A 213 6.30 -17.34 -10.03
N LYS A 214 6.36 -18.05 -8.91
CA LYS A 214 7.64 -18.26 -8.24
C LYS A 214 8.39 -19.48 -8.76
N SER A 215 7.86 -20.15 -9.78
CA SER A 215 8.60 -21.20 -10.45
C SER A 215 9.53 -20.66 -11.52
N PHE A 216 9.43 -19.38 -11.85
CA PHE A 216 10.21 -18.74 -12.90
C PHE A 216 11.19 -17.76 -12.29
N LYS A 217 12.35 -17.64 -12.92
CA LYS A 217 13.42 -16.80 -12.36
C LYS A 217 13.03 -15.33 -12.41
N VAL A 218 12.71 -14.82 -13.58
CA VAL A 218 12.25 -13.44 -13.76
C VAL A 218 10.74 -13.47 -13.76
N SER A 219 10.13 -12.79 -12.78
CA SER A 219 8.69 -12.81 -12.63
C SER A 219 8.30 -11.65 -11.73
N SER A 220 7.06 -11.20 -11.88
CA SER A 220 6.53 -10.07 -11.15
C SER A 220 5.48 -10.49 -10.13
N ASN A 221 5.70 -11.63 -9.48
CA ASN A 221 4.70 -12.23 -8.60
C ASN A 221 5.21 -12.28 -7.17
N SER A 222 4.27 -12.40 -6.24
CA SER A 222 4.55 -12.28 -4.82
C SER A 222 5.31 -13.49 -4.30
N TRP A 223 5.66 -13.43 -3.01
CA TRP A 223 6.32 -14.56 -2.37
C TRP A 223 5.42 -15.78 -2.30
N GLU A 224 4.12 -15.54 -2.11
CA GLU A 224 3.15 -16.63 -1.94
C GLU A 224 2.75 -17.41 -3.20
N TYR A 225 3.08 -16.86 -4.36
CA TYR A 225 2.73 -17.50 -5.62
C TYR A 225 3.63 -18.70 -5.86
N THR A 226 3.45 -19.75 -5.06
CA THR A 226 4.26 -20.95 -5.17
C THR A 226 3.56 -22.07 -5.91
N GLY A 227 2.35 -21.84 -6.41
CA GLY A 227 1.64 -22.87 -7.15
C GLY A 227 0.73 -23.74 -6.33
N ASP A 228 0.53 -23.44 -5.05
CA ASP A 228 -0.48 -24.15 -4.29
C ASP A 228 -1.87 -23.75 -4.76
N GLY A 229 -2.84 -24.54 -4.37
CA GLY A 229 -4.16 -24.38 -4.96
C GLY A 229 -4.27 -25.20 -6.21
N HIS A 230 -3.47 -24.87 -7.22
CA HIS A 230 -3.35 -25.74 -8.38
C HIS A 230 -2.95 -27.15 -7.95
N ALA A 231 -1.83 -27.28 -7.24
CA ALA A 231 -1.37 -28.59 -6.82
C ALA A 231 -2.30 -29.21 -5.78
N LEU A 232 -2.87 -28.38 -4.92
CA LEU A 232 -3.82 -28.88 -3.93
C LEU A 232 -4.99 -29.59 -4.61
N ALA A 233 -5.68 -28.89 -5.50
CA ALA A 233 -6.81 -29.51 -6.21
C ALA A 233 -6.35 -30.67 -7.07
N LEU A 234 -5.19 -30.53 -7.71
CA LEU A 234 -4.71 -31.56 -8.63
C LEU A 234 -4.50 -32.88 -7.91
N ARG A 235 -3.74 -32.87 -6.82
CA ARG A 235 -3.48 -34.09 -6.07
C ARG A 235 -4.61 -34.44 -5.12
N ALA A 236 -5.63 -33.58 -4.98
CA ALA A 236 -6.81 -34.01 -4.26
C ALA A 236 -7.75 -34.81 -5.16
N GLY A 237 -8.37 -34.14 -6.13
CA GLY A 237 -9.18 -34.90 -7.07
C GLY A 237 -9.39 -34.34 -8.46
N SER A 238 -8.87 -33.16 -8.72
CA SER A 238 -9.41 -32.38 -9.83
C SER A 238 -8.43 -32.30 -10.98
N ALA A 239 -8.81 -31.55 -12.01
CA ALA A 239 -8.05 -31.44 -13.23
C ALA A 239 -7.77 -29.98 -13.53
N LEU A 240 -6.67 -29.75 -14.24
CA LEU A 240 -6.24 -28.42 -14.65
C LEU A 240 -6.35 -28.31 -16.15
N ILE A 241 -6.64 -27.09 -16.63
CA ILE A 241 -6.73 -26.84 -18.06
C ILE A 241 -5.90 -25.62 -18.40
N ASN A 242 -5.39 -25.60 -19.63
CA ASN A 242 -4.72 -24.43 -20.19
C ASN A 242 -3.50 -24.02 -19.37
N MET A 243 -2.76 -25.01 -18.88
CA MET A 243 -1.57 -24.71 -18.11
C MET A 243 -0.42 -24.23 -18.97
N GLU A 244 -0.50 -24.40 -20.29
CA GLU A 244 0.54 -23.94 -21.20
C GLU A 244 0.39 -22.47 -21.57
N PHE A 245 -0.67 -21.82 -21.12
CA PHE A 245 -0.92 -20.41 -21.44
C PHE A 245 -0.51 -19.58 -20.24
N ILE A 246 0.73 -19.12 -20.26
CA ILE A 246 1.26 -18.22 -19.24
C ILE A 246 1.52 -16.89 -19.92
N GLN A 247 1.07 -15.81 -19.29
CA GLN A 247 1.27 -14.48 -19.85
C GLN A 247 2.66 -13.99 -19.49
N PHE A 248 3.44 -13.66 -20.50
CA PHE A 248 4.74 -13.05 -20.32
C PHE A 248 4.70 -11.60 -20.79
N HIS A 249 5.74 -10.86 -20.43
CA HIS A 249 5.97 -9.53 -20.97
C HIS A 249 7.42 -9.45 -21.41
N PRO A 250 7.69 -9.16 -22.68
CA PRO A 250 9.08 -9.25 -23.17
C PRO A 250 10.04 -8.28 -22.49
N THR A 251 9.54 -7.35 -21.68
CA THR A 251 10.36 -6.39 -20.98
C THR A 251 10.13 -6.51 -19.47
N GLY A 252 10.73 -5.59 -18.73
CA GLY A 252 10.74 -5.68 -17.28
C GLY A 252 12.14 -5.94 -16.78
N MET A 253 12.70 -5.00 -16.00
CA MET A 253 14.11 -5.04 -15.67
C MET A 253 14.48 -6.36 -15.00
N VAL A 254 15.67 -6.87 -15.32
CA VAL A 254 16.10 -8.16 -14.84
C VAL A 254 17.28 -8.05 -13.89
N TRP A 255 18.23 -7.16 -14.16
CA TRP A 255 19.46 -7.16 -13.36
C TRP A 255 19.25 -6.64 -11.94
N PRO A 256 18.90 -5.36 -11.72
CA PRO A 256 18.95 -4.85 -10.34
C PRO A 256 17.88 -5.51 -9.51
N LEU A 257 18.28 -6.38 -8.58
CA LEU A 257 17.30 -7.18 -7.84
C LEU A 257 16.29 -6.33 -7.09
N SER A 258 16.58 -5.04 -6.88
CA SER A 258 15.56 -4.15 -6.32
C SER A 258 14.41 -3.96 -7.30
N VAL A 259 14.68 -4.01 -8.60
CA VAL A 259 13.65 -3.94 -9.63
C VAL A 259 13.86 -5.12 -10.58
N LYS A 260 13.22 -6.25 -10.27
CA LYS A 260 13.37 -7.44 -11.09
C LYS A 260 12.06 -7.90 -11.70
N GLY A 261 10.99 -8.00 -10.93
CA GLY A 261 9.72 -8.07 -11.59
C GLY A 261 9.02 -6.73 -11.54
N ILE A 262 9.26 -5.91 -12.55
CA ILE A 262 8.58 -4.63 -12.72
C ILE A 262 8.43 -4.45 -14.22
N LEU A 263 7.21 -4.60 -14.73
CA LEU A 263 7.02 -4.66 -16.17
C LEU A 263 7.25 -3.30 -16.81
N VAL A 264 7.91 -3.31 -17.96
CA VAL A 264 8.14 -2.11 -18.77
C VAL A 264 7.11 -2.10 -19.89
N THR A 265 6.31 -1.05 -19.94
CA THR A 265 5.23 -0.94 -20.92
C THR A 265 5.81 -0.67 -22.31
N GLU A 266 4.91 -0.54 -23.29
CA GLU A 266 5.31 -0.21 -24.65
C GLU A 266 5.41 1.30 -24.89
N GLY A 267 4.85 2.11 -23.98
CA GLY A 267 4.92 3.55 -24.16
C GLY A 267 6.35 4.06 -24.22
N VAL A 268 7.22 3.58 -23.34
CA VAL A 268 8.64 3.94 -23.39
C VAL A 268 9.27 3.46 -24.68
N ARG A 269 8.79 2.34 -25.22
CA ARG A 269 9.28 1.85 -26.50
C ARG A 269 8.65 2.59 -27.68
N GLY A 270 7.71 3.49 -27.42
CA GLY A 270 7.22 4.39 -28.44
C GLY A 270 8.22 5.51 -28.69
N ASP A 271 9.46 5.25 -28.33
CA ASP A 271 10.59 6.16 -28.44
C ASP A 271 11.82 5.31 -28.69
N GLY A 272 13.00 5.84 -28.39
CA GLY A 272 14.24 5.08 -28.44
C GLY A 272 14.10 3.66 -27.91
N GLY A 273 14.59 2.69 -28.67
CA GLY A 273 14.32 1.30 -28.35
C GLY A 273 15.53 0.41 -28.36
N VAL A 274 15.30 -0.89 -28.21
CA VAL A 274 16.36 -1.88 -28.03
C VAL A 274 17.11 -2.10 -29.34
N LEU A 275 16.44 -2.73 -30.30
CA LEU A 275 16.93 -2.99 -31.65
C LEU A 275 15.83 -3.67 -32.46
N LYS A 276 15.57 -3.22 -33.66
CA LYS A 276 14.72 -3.99 -34.55
C LYS A 276 15.17 -3.85 -36.01
N ASN A 277 16.48 -3.96 -36.24
CA ASN A 277 17.14 -3.85 -37.53
C ASN A 277 17.19 -2.42 -38.07
N SER A 278 16.57 -1.45 -37.40
CA SER A 278 16.63 -0.07 -37.85
C SER A 278 15.97 0.84 -36.82
N GLU A 279 16.24 2.14 -36.93
CA GLU A 279 15.45 3.20 -36.31
C GLU A 279 15.29 2.98 -34.80
N GLY A 280 16.42 3.15 -34.11
CA GLY A 280 16.45 2.95 -32.68
C GLY A 280 17.74 2.29 -32.26
N LYS A 281 18.58 2.01 -33.24
CA LYS A 281 19.92 1.53 -32.98
C LYS A 281 20.90 2.70 -33.00
N THR A 316 9.84 3.80 -37.00
CA THR A 316 10.71 2.84 -36.33
C THR A 316 10.06 1.47 -36.27
N PRO A 317 10.86 0.41 -36.40
CA PRO A 317 10.33 -0.94 -36.15
C PRO A 317 10.00 -1.14 -34.68
N ASP A 318 9.15 -0.26 -34.18
CA ASP A 318 8.46 -0.36 -32.91
C ASP A 318 7.16 -1.15 -33.11
N LEU A 319 6.57 -1.57 -32.00
CA LEU A 319 5.20 -2.06 -31.91
C LEU A 319 4.98 -3.35 -32.67
N LEU A 320 5.98 -3.88 -33.37
CA LEU A 320 5.78 -5.15 -34.04
C LEU A 320 5.45 -6.21 -32.99
N PRO A 321 4.50 -7.12 -33.27
CA PRO A 321 3.87 -7.93 -32.21
C PRO A 321 4.82 -8.43 -31.13
N ARG A 322 4.43 -8.28 -29.86
CA ARG A 322 5.34 -8.52 -28.75
C ARG A 322 5.86 -9.96 -28.72
N ASP A 323 5.17 -10.89 -29.37
CA ASP A 323 5.74 -12.23 -29.51
C ASP A 323 6.97 -12.19 -30.41
N GLU A 324 6.95 -11.35 -31.46
CA GLU A 324 8.14 -11.17 -32.28
C GLU A 324 9.18 -10.32 -31.58
N VAL A 325 8.75 -9.39 -30.73
CA VAL A 325 9.70 -8.66 -29.90
C VAL A 325 10.47 -9.63 -29.04
N ALA A 326 9.77 -10.59 -28.42
CA ALA A 326 10.43 -11.58 -27.59
C ALA A 326 11.26 -12.56 -28.42
N ARG A 327 10.80 -12.88 -29.63
CA ARG A 327 11.63 -13.70 -30.53
C ARG A 327 12.95 -13.03 -30.81
N ALA A 328 12.93 -11.73 -31.13
CA ALA A 328 14.17 -11.00 -31.37
C ALA A 328 15.03 -10.94 -30.11
N ILE A 329 14.41 -10.73 -28.95
CA ILE A 329 15.15 -10.65 -27.69
C ILE A 329 15.88 -11.96 -27.42
N ASN A 330 15.16 -13.08 -27.55
CA ASN A 330 15.78 -14.38 -27.28
C ASN A 330 16.76 -14.77 -28.36
N ALA A 331 16.57 -14.30 -29.59
CA ALA A 331 17.55 -14.58 -30.63
C ALA A 331 18.84 -13.80 -30.39
N GLU A 332 18.73 -12.60 -29.83
CA GLU A 332 19.91 -11.82 -29.50
C GLU A 332 20.56 -12.24 -28.20
N VAL A 333 19.81 -12.89 -27.31
CA VAL A 333 20.37 -13.40 -26.06
C VAL A 333 21.04 -14.76 -26.25
N LYS A 334 20.36 -15.68 -26.95
CA LYS A 334 20.89 -17.03 -27.12
C LYS A 334 22.19 -17.02 -27.90
N ALA A 335 22.29 -16.19 -28.94
CA ALA A 335 23.52 -16.08 -29.72
C ALA A 335 23.76 -14.59 -30.02
N GLY A 336 24.44 -13.93 -29.09
CA GLY A 336 24.69 -12.51 -29.27
C GLY A 336 25.12 -11.88 -27.96
N ARG A 337 25.13 -10.53 -27.94
CA ARG A 337 25.62 -9.77 -26.80
C ARG A 337 24.56 -9.69 -25.70
N GLY A 338 24.30 -10.84 -25.08
CA GLY A 338 23.45 -10.88 -23.91
C GLY A 338 24.17 -10.26 -22.73
N SER A 339 23.55 -9.27 -22.11
CA SER A 339 24.17 -8.58 -20.99
C SER A 339 24.30 -9.53 -19.79
N PRO A 340 25.20 -9.21 -18.84
CA PRO A 340 25.46 -10.14 -17.74
C PRO A 340 24.22 -10.52 -16.94
N HIS A 341 23.20 -9.68 -16.92
CA HIS A 341 21.98 -10.02 -16.20
C HIS A 341 21.04 -10.94 -16.93
N GLY A 342 21.34 -11.27 -18.19
CA GLY A 342 20.47 -12.12 -18.98
C GLY A 342 19.42 -11.39 -19.78
N GLY A 343 19.61 -10.10 -20.05
CA GLY A 343 18.63 -9.33 -20.79
C GLY A 343 19.27 -8.42 -21.82
N VAL A 344 18.54 -7.37 -22.20
CA VAL A 344 18.98 -6.40 -23.20
C VAL A 344 18.87 -5.00 -22.59
N TYR A 345 19.26 -4.00 -23.38
CA TYR A 345 19.45 -2.66 -22.84
C TYR A 345 18.15 -1.86 -22.77
N LEU A 346 17.53 -1.59 -23.92
CA LEU A 346 16.41 -0.64 -24.00
C LEU A 346 16.85 0.72 -23.45
N ASP A 347 17.78 1.33 -24.16
CA ASP A 347 18.34 2.61 -23.77
C ASP A 347 17.53 3.76 -24.35
N ILE A 348 17.30 4.79 -23.53
CA ILE A 348 16.53 5.97 -23.89
C ILE A 348 17.35 7.24 -23.71
N ALA A 349 18.66 7.09 -23.48
CA ALA A 349 19.48 8.26 -23.13
C ALA A 349 19.84 9.09 -24.35
N SER A 350 20.21 8.44 -25.46
CA SER A 350 20.53 9.17 -26.68
C SER A 350 19.25 9.53 -27.42
N ARG A 351 18.34 10.19 -26.71
CA ARG A 351 16.97 10.43 -27.13
C ARG A 351 16.58 11.79 -26.53
N MET A 352 15.28 12.04 -26.38
CA MET A 352 14.80 13.23 -25.69
C MET A 352 15.64 13.42 -24.42
N PRO A 353 16.50 14.44 -24.37
CA PRO A 353 17.70 14.37 -23.52
C PRO A 353 17.47 14.19 -22.02
N ALA A 354 16.87 15.17 -21.36
CA ALA A 354 16.76 15.06 -19.91
C ALA A 354 15.37 15.39 -19.36
N GLU A 355 14.69 16.37 -19.95
CA GLU A 355 13.45 16.89 -19.39
C GLU A 355 12.22 16.18 -19.92
N GLU A 356 12.21 15.83 -21.21
CA GLU A 356 11.05 15.19 -21.80
C GLU A 356 10.79 13.82 -21.19
N ILE A 357 11.84 13.14 -20.74
CA ILE A 357 11.65 11.84 -20.10
C ILE A 357 10.96 12.01 -18.76
N LYS A 358 11.39 12.98 -17.96
CA LYS A 358 10.89 13.12 -16.60
C LYS A 358 9.39 13.40 -16.59
N ARG A 359 8.87 13.98 -17.66
CA ARG A 359 7.45 14.29 -17.75
C ARG A 359 6.67 13.29 -18.57
N ARG A 360 7.24 12.77 -19.66
CA ARG A 360 6.53 11.77 -20.47
C ARG A 360 6.37 10.46 -19.71
N LEU A 361 7.32 10.12 -18.84
CA LEU A 361 7.28 8.90 -18.03
C LEU A 361 7.56 9.28 -16.57
N PRO A 362 6.60 9.94 -15.91
CA PRO A 362 6.86 10.47 -14.57
C PRO A 362 7.01 9.40 -13.49
N SER A 363 6.05 8.48 -13.37
CA SER A 363 6.06 7.56 -12.25
C SER A 363 7.18 6.54 -12.36
N MET A 364 7.45 6.05 -13.58
CA MET A 364 8.56 5.14 -13.79
C MET A 364 9.87 5.77 -13.37
N TYR A 365 10.07 7.04 -13.74
CA TYR A 365 11.32 7.73 -13.41
C TYR A 365 11.49 7.88 -11.91
N HIS A 366 10.46 8.37 -11.22
CA HIS A 366 10.53 8.53 -9.78
C HIS A 366 10.79 7.20 -9.09
N GLN A 367 10.05 6.17 -9.49
CA GLN A 367 10.20 4.86 -8.87
C GLN A 367 11.62 4.33 -9.07
N PHE A 368 12.15 4.43 -10.28
CA PHE A 368 13.49 3.90 -10.52
C PHE A 368 14.54 4.67 -9.75
N ILE A 369 14.42 6.00 -9.68
CA ILE A 369 15.46 6.78 -9.01
C ILE A 369 15.41 6.57 -7.51
N GLU A 370 14.21 6.36 -6.95
CA GLU A 370 14.12 6.19 -5.50
C GLU A 370 14.34 4.75 -5.08
N LEU A 371 14.25 3.80 -6.02
CA LEU A 371 14.38 2.39 -5.67
C LEU A 371 15.72 1.79 -6.09
N ALA A 372 16.06 1.88 -7.38
CA ALA A 372 17.29 1.28 -7.88
C ALA A 372 18.42 2.29 -8.05
N GLU A 373 18.18 3.56 -7.76
CA GLU A 373 19.17 4.61 -7.96
C GLU A 373 19.66 4.64 -9.40
N VAL A 374 18.73 4.39 -10.33
CA VAL A 374 19.01 4.41 -11.76
C VAL A 374 18.17 5.52 -12.38
N ASP A 375 18.85 6.54 -12.91
CA ASP A 375 18.18 7.66 -13.55
C ASP A 375 18.04 7.34 -15.04
N ILE A 376 16.79 7.26 -15.50
CA ILE A 376 16.53 6.78 -16.86
C ILE A 376 17.03 7.79 -17.88
N THR A 377 17.11 9.06 -17.51
CA THR A 377 17.67 10.07 -18.41
C THR A 377 19.17 9.94 -18.60
N LYS A 378 19.84 9.06 -17.85
CA LYS A 378 21.29 8.93 -17.92
C LYS A 378 21.78 7.51 -18.18
N ASP A 379 20.96 6.48 -17.99
CA ASP A 379 21.45 5.11 -18.00
C ASP A 379 20.55 4.22 -18.84
N ALA A 380 21.10 3.09 -19.27
CA ALA A 380 20.36 2.09 -20.03
C ALA A 380 19.80 1.04 -19.09
N MET A 381 18.54 0.66 -19.32
CA MET A 381 17.92 -0.35 -18.49
C MET A 381 18.48 -1.74 -18.82
N GLU A 382 17.94 -2.75 -18.15
CA GLU A 382 18.32 -4.13 -18.38
C GLU A 382 17.04 -4.95 -18.31
N VAL A 383 16.38 -5.11 -19.46
CA VAL A 383 15.02 -5.63 -19.51
C VAL A 383 15.02 -7.01 -20.15
N GLY A 384 14.08 -7.85 -19.72
CA GLY A 384 13.94 -9.19 -20.22
C GLY A 384 12.52 -9.72 -20.08
N PRO A 385 12.31 -10.95 -20.54
CA PRO A 385 10.94 -11.51 -20.57
C PRO A 385 10.39 -11.93 -19.21
N THR A 386 9.78 -11.00 -18.49
CA THR A 386 9.18 -11.30 -17.20
C THR A 386 7.91 -12.15 -17.35
N CYS A 387 7.50 -12.75 -16.25
CA CYS A 387 6.31 -13.59 -16.18
C CYS A 387 5.26 -12.92 -15.31
N HIS A 388 4.03 -12.85 -15.81
CA HIS A 388 3.02 -12.03 -15.15
C HIS A 388 1.83 -12.84 -14.65
N TYR A 389 1.21 -13.65 -15.49
CA TYR A 389 -0.10 -14.23 -15.20
C TYR A 389 -0.21 -15.58 -15.85
N VAL A 390 -0.87 -16.51 -15.15
CA VAL A 390 -1.19 -17.82 -15.69
C VAL A 390 -2.67 -17.83 -16.01
N MET A 391 -3.01 -18.13 -17.26
CA MET A 391 -4.38 -18.05 -17.72
C MET A 391 -5.09 -19.39 -17.70
N GLY A 392 -4.45 -20.42 -17.15
CA GLY A 392 -5.08 -21.68 -16.89
C GLY A 392 -5.28 -21.92 -15.42
N GLY A 393 -5.64 -23.15 -15.08
CA GLY A 393 -5.89 -23.49 -13.70
C GLY A 393 -6.95 -24.56 -13.54
N ILE A 394 -7.59 -24.60 -12.37
CA ILE A 394 -8.55 -25.63 -12.06
C ILE A 394 -9.75 -25.52 -13.00
N GLU A 395 -10.11 -26.64 -13.62
CA GLU A 395 -11.26 -26.68 -14.52
C GLU A 395 -12.53 -26.58 -13.71
N VAL A 396 -13.12 -25.40 -13.66
CA VAL A 396 -14.33 -25.14 -12.90
C VAL A 396 -15.53 -25.28 -13.81
N ASP A 397 -16.67 -25.58 -13.21
CA ASP A 397 -17.93 -25.39 -13.89
C ASP A 397 -18.21 -23.90 -14.01
N PRO A 398 -18.83 -23.44 -15.09
CA PRO A 398 -19.02 -22.00 -15.26
C PRO A 398 -19.94 -21.36 -14.24
N ASP A 399 -21.18 -21.87 -14.10
CA ASP A 399 -22.16 -21.19 -13.25
C ASP A 399 -21.80 -21.32 -11.78
N THR A 400 -21.77 -22.55 -11.28
CA THR A 400 -21.21 -22.87 -9.97
C THR A 400 -19.78 -23.36 -10.16
N ALA A 401 -18.99 -23.27 -9.09
CA ALA A 401 -17.55 -23.53 -9.23
C ALA A 401 -17.18 -25.01 -9.27
N ALA A 402 -15.90 -25.30 -9.07
CA ALA A 402 -15.20 -26.42 -9.69
C ALA A 402 -15.57 -27.77 -9.09
N GLY A 403 -14.77 -28.78 -9.44
CA GLY A 403 -14.80 -30.08 -8.80
C GLY A 403 -15.51 -31.14 -9.61
N ALA A 404 -14.99 -32.37 -9.60
CA ALA A 404 -15.67 -33.48 -10.26
C ALA A 404 -16.54 -34.28 -9.29
N THR A 405 -15.91 -34.96 -8.32
CA THR A 405 -16.57 -35.60 -7.19
C THR A 405 -16.84 -34.67 -6.00
N PRO A 406 -15.87 -33.89 -5.55
CA PRO A 406 -15.94 -33.36 -4.18
C PRO A 406 -16.84 -32.14 -4.09
N GLY A 407 -16.83 -31.53 -2.91
CA GLY A 407 -17.38 -30.20 -2.71
C GLY A 407 -16.30 -29.14 -2.80
N LEU A 408 -15.51 -29.17 -3.87
CA LEU A 408 -14.43 -28.23 -4.07
C LEU A 408 -14.88 -27.13 -5.03
N PHE A 409 -14.44 -25.91 -4.76
CA PHE A 409 -14.81 -24.74 -5.57
C PHE A 409 -13.56 -23.89 -5.76
N ALA A 410 -13.52 -23.17 -6.88
CA ALA A 410 -12.35 -22.37 -7.21
C ALA A 410 -12.78 -21.06 -7.84
N ALA A 411 -11.97 -20.03 -7.61
CA ALA A 411 -12.25 -18.70 -8.16
C ALA A 411 -10.93 -17.95 -8.27
N GLY A 412 -10.96 -16.87 -9.05
CA GLY A 412 -9.79 -16.03 -9.17
C GLY A 412 -8.78 -16.56 -10.17
N GLU A 413 -7.51 -16.32 -9.87
CA GLU A 413 -6.45 -16.71 -10.79
C GLU A 413 -6.21 -18.21 -10.79
N CYS A 414 -6.55 -18.89 -9.69
CA CYS A 414 -6.34 -20.33 -9.60
C CYS A 414 -7.33 -21.12 -10.44
N SER A 415 -8.37 -20.50 -10.96
CA SER A 415 -9.34 -21.17 -11.81
C SER A 415 -8.99 -20.98 -13.27
N GLY A 416 -9.62 -21.78 -14.13
CA GLY A 416 -9.34 -21.73 -15.55
C GLY A 416 -10.61 -21.76 -16.35
N GLY A 417 -10.48 -21.37 -17.61
CA GLY A 417 -11.60 -21.34 -18.55
C GLY A 417 -11.86 -19.96 -19.12
N MET A 418 -11.84 -18.94 -18.27
CA MET A 418 -11.85 -17.57 -18.78
C MET A 418 -10.42 -17.16 -19.11
N HIS A 419 -10.30 -16.11 -19.92
CA HIS A 419 -9.00 -15.72 -20.48
C HIS A 419 -8.37 -16.89 -21.21
N GLY A 420 -9.03 -17.32 -22.28
CA GLY A 420 -8.69 -18.56 -22.94
C GLY A 420 -7.21 -18.72 -23.24
N SER A 421 -6.69 -17.94 -24.18
CA SER A 421 -5.28 -17.98 -24.52
C SER A 421 -4.55 -16.69 -24.16
N ASN A 422 -5.26 -15.58 -24.07
CA ASN A 422 -4.69 -14.32 -23.62
C ASN A 422 -5.74 -13.60 -22.79
N ARG A 423 -5.28 -12.73 -21.89
CA ARG A 423 -6.18 -12.01 -21.01
C ARG A 423 -6.15 -10.53 -21.35
N LEU A 424 -7.23 -9.85 -20.97
CA LEU A 424 -7.34 -8.41 -21.12
C LEU A 424 -7.04 -7.72 -19.81
N GLY A 425 -6.42 -6.55 -19.87
CA GLY A 425 -6.21 -5.77 -18.68
C GLY A 425 -7.54 -5.33 -18.11
N GLY A 426 -7.72 -5.50 -16.80
CA GLY A 426 -8.95 -5.15 -16.14
C GLY A 426 -9.93 -6.29 -15.99
N ASN A 427 -9.87 -7.29 -16.87
CA ASN A 427 -10.75 -8.45 -16.72
C ASN A 427 -10.33 -9.32 -15.55
N SER A 428 -9.03 -9.38 -15.26
CA SER A 428 -8.54 -10.19 -14.15
C SER A 428 -8.97 -9.66 -12.80
N LEU A 429 -9.42 -8.40 -12.74
CA LEU A 429 -9.72 -7.76 -11.47
C LEU A 429 -11.22 -7.66 -11.19
N SER A 430 -12.05 -7.77 -12.23
CA SER A 430 -13.49 -7.89 -12.05
C SER A 430 -13.95 -9.33 -12.10
N ASP A 431 -13.20 -10.17 -12.82
CA ASP A 431 -13.36 -11.62 -12.71
C ASP A 431 -13.31 -12.06 -11.25
N LEU A 432 -12.41 -11.46 -10.47
CA LEU A 432 -12.32 -11.78 -9.05
C LEU A 432 -13.67 -11.61 -8.37
N LEU A 433 -14.25 -10.42 -8.47
CA LEU A 433 -15.53 -10.16 -7.81
C LEU A 433 -16.61 -11.10 -8.33
N VAL A 434 -16.78 -11.15 -9.65
CA VAL A 434 -17.87 -11.93 -10.23
C VAL A 434 -17.81 -13.37 -9.77
N PHE A 435 -16.69 -14.04 -10.00
CA PHE A 435 -16.66 -15.47 -9.77
C PHE A 435 -16.31 -15.83 -8.34
N GLY A 436 -15.76 -14.90 -7.53
CA GLY A 436 -15.74 -15.13 -6.10
C GLY A 436 -17.14 -15.16 -5.51
N ARG A 437 -17.99 -14.23 -5.95
CA ARG A 437 -19.37 -14.28 -5.51
C ARG A 437 -20.05 -15.56 -5.97
N ARG A 438 -19.82 -15.95 -7.24
CA ARG A 438 -20.41 -17.19 -7.73
C ARG A 438 -19.96 -18.39 -6.93
N ALA A 439 -18.67 -18.43 -6.56
CA ALA A 439 -18.15 -19.57 -5.80
C ALA A 439 -18.71 -19.60 -4.39
N GLY A 440 -18.81 -18.44 -3.74
CA GLY A 440 -19.44 -18.40 -2.43
C GLY A 440 -20.88 -18.88 -2.47
N LEU A 441 -21.64 -18.44 -3.47
CA LEU A 441 -23.03 -18.85 -3.58
C LEU A 441 -23.15 -20.35 -3.87
N GLY A 442 -22.29 -20.87 -4.75
CA GLY A 442 -22.34 -22.30 -5.05
C GLY A 442 -21.94 -23.16 -3.87
N ALA A 443 -20.96 -22.72 -3.10
CA ALA A 443 -20.59 -23.45 -1.89
C ALA A 443 -21.72 -23.42 -0.89
N ALA A 444 -22.37 -22.27 -0.72
CA ALA A 444 -23.51 -22.18 0.18
C ALA A 444 -24.60 -23.17 -0.22
N ASP A 445 -24.93 -23.23 -1.50
CA ASP A 445 -25.98 -24.15 -1.94
C ASP A 445 -25.57 -25.60 -1.76
N TYR A 446 -24.31 -25.92 -2.06
CA TYR A 446 -23.86 -27.30 -1.88
C TYR A 446 -23.93 -27.72 -0.42
N VAL A 447 -23.54 -26.84 0.50
CA VAL A 447 -23.62 -27.16 1.92
C VAL A 447 -25.06 -27.32 2.35
N ARG A 448 -25.95 -26.44 1.87
CA ARG A 448 -27.35 -26.52 2.28
C ARG A 448 -28.02 -27.78 1.75
N ALA A 449 -27.57 -28.31 0.60
CA ALA A 449 -28.18 -29.49 0.00
C ALA A 449 -27.37 -30.75 0.26
N LEU A 450 -26.81 -30.89 1.46
CA LEU A 450 -25.89 -31.97 1.79
C LEU A 450 -26.51 -32.88 2.83
N PRO A 451 -26.77 -34.16 2.51
CA PRO A 451 -27.52 -35.01 3.45
C PRO A 451 -26.79 -35.30 4.75
N ASP A 452 -25.59 -35.86 4.66
CA ASP A 452 -24.75 -36.13 5.81
C ASP A 452 -23.36 -35.54 5.58
N ARG A 453 -22.80 -34.96 6.62
CA ARG A 453 -21.50 -34.32 6.49
C ARG A 453 -20.40 -35.36 6.46
N PRO A 454 -19.41 -35.22 5.58
CA PRO A 454 -18.26 -36.13 5.62
C PRO A 454 -17.36 -35.80 6.81
N LYS A 455 -16.70 -36.83 7.32
CA LYS A 455 -15.83 -36.72 8.48
C LYS A 455 -14.44 -37.21 8.13
N VAL A 456 -13.43 -36.51 8.66
CA VAL A 456 -12.04 -36.81 8.35
C VAL A 456 -11.62 -38.11 9.02
N SER A 457 -10.65 -38.78 8.41
CA SER A 457 -10.02 -39.97 8.96
C SER A 457 -8.72 -39.56 9.63
N GLU A 458 -8.30 -40.35 10.61
CA GLU A 458 -7.02 -40.09 11.26
C GLU A 458 -5.86 -40.67 10.48
N ALA A 459 -6.10 -41.73 9.71
CA ALA A 459 -5.08 -42.31 8.85
C ALA A 459 -4.80 -41.49 7.64
N ALA A 460 -5.32 -40.27 7.56
CA ALA A 460 -4.89 -39.30 6.55
C ALA A 460 -4.26 -38.07 7.15
N VAL A 461 -4.71 -37.65 8.34
CA VAL A 461 -4.00 -36.63 9.10
C VAL A 461 -2.61 -37.14 9.49
N GLU A 462 -2.51 -38.44 9.77
CA GLU A 462 -1.20 -39.03 10.03
C GLU A 462 -0.28 -38.87 8.83
N ASP A 463 -0.75 -39.20 7.63
CA ASP A 463 0.08 -39.08 6.44
C ASP A 463 0.42 -37.62 6.15
N ALA A 464 -0.52 -36.71 6.38
CA ALA A 464 -0.23 -35.30 6.18
C ALA A 464 0.86 -34.82 7.11
N THR A 465 0.79 -35.18 8.39
CA THR A 465 1.84 -34.81 9.33
C THR A 465 3.17 -35.42 8.93
N ARG A 466 3.17 -36.68 8.49
CA ARG A 466 4.41 -37.32 8.10
C ARG A 466 5.07 -36.62 6.92
N LEU A 467 4.30 -36.33 5.88
CA LEU A 467 4.88 -35.63 4.73
C LEU A 467 5.39 -34.26 5.12
N VAL A 468 4.63 -33.51 5.94
CA VAL A 468 5.07 -32.16 6.23
C VAL A 468 6.25 -32.15 7.21
N LEU A 469 6.48 -33.23 7.94
CA LEU A 469 7.63 -33.31 8.85
C LEU A 469 8.79 -34.11 8.29
N ALA A 470 8.67 -34.64 7.07
CA ALA A 470 9.77 -35.38 6.47
C ALA A 470 11.06 -34.58 6.31
N PRO A 471 11.04 -33.28 5.94
CA PRO A 471 12.30 -32.56 5.74
C PRO A 471 13.11 -32.34 7.01
N PHE A 472 12.69 -32.91 8.13
CA PHE A 472 13.41 -32.79 9.40
C PHE A 472 14.09 -34.09 9.78
N GLU A 473 14.65 -34.78 8.80
CA GLU A 473 15.38 -36.01 9.02
C GLU A 473 16.83 -35.87 8.56
N PRO A 474 17.72 -36.77 8.99
CA PRO A 474 19.12 -36.68 8.52
C PRO A 474 19.27 -36.68 7.01
N LYS A 475 18.68 -37.66 6.32
CA LYS A 475 18.64 -37.67 4.85
C LYS A 475 20.05 -37.62 4.26
N ALA A 476 20.75 -38.74 4.41
CA ALA A 476 22.09 -38.87 3.83
C ALA A 476 22.12 -38.35 2.40
N GLU A 477 23.29 -37.80 2.02
CA GLU A 477 23.52 -36.95 0.86
C GLU A 477 22.42 -35.89 0.76
N PRO A 478 22.42 -34.92 1.65
CA PRO A 478 21.31 -33.97 1.74
C PRO A 478 21.34 -32.93 0.63
N GLU A 479 20.22 -32.22 0.51
CA GLU A 479 20.07 -31.11 -0.40
C GLU A 479 19.73 -29.86 0.40
N ASN A 480 19.40 -28.78 -0.30
CA ASN A 480 19.04 -27.53 0.33
C ASN A 480 17.82 -26.95 -0.37
N PRO A 481 16.85 -26.41 0.37
CA PRO A 481 15.66 -25.87 -0.29
C PRO A 481 15.99 -24.76 -1.28
N TYR A 482 16.93 -23.89 -0.95
CA TYR A 482 17.19 -22.73 -1.79
C TYR A 482 17.96 -23.11 -3.05
N THR A 483 18.87 -24.07 -2.95
CA THR A 483 19.57 -24.54 -4.12
C THR A 483 18.61 -25.18 -5.11
N LEU A 484 17.71 -26.04 -4.62
CA LEU A 484 16.73 -26.66 -5.50
C LEU A 484 15.78 -25.63 -6.10
N HIS A 485 15.37 -24.66 -5.30
CA HIS A 485 14.48 -23.62 -5.82
C HIS A 485 15.16 -22.82 -6.93
N ALA A 486 16.43 -22.46 -6.73
CA ALA A 486 17.15 -21.71 -7.74
C ALA A 486 17.32 -22.53 -9.01
N GLU A 487 17.60 -23.83 -8.88
CA GLU A 487 17.75 -24.67 -10.07
C GLU A 487 16.44 -24.78 -10.83
N LEU A 488 15.33 -24.97 -10.11
CA LEU A 488 14.03 -25.01 -10.77
C LEU A 488 13.73 -23.71 -11.49
N GLN A 489 13.97 -22.58 -10.84
CA GLN A 489 13.71 -21.29 -11.46
C GLN A 489 14.56 -21.10 -12.72
N GLN A 490 15.84 -21.43 -12.64
CA GLN A 490 16.71 -21.31 -13.80
C GLN A 490 16.19 -22.14 -14.96
N SER A 491 15.90 -23.42 -14.70
CA SER A 491 15.47 -24.32 -15.77
C SER A 491 14.17 -23.85 -16.39
N MET A 492 13.20 -23.47 -15.55
CA MET A 492 11.90 -23.04 -16.06
C MET A 492 12.02 -21.78 -16.89
N ASN A 493 12.78 -20.80 -16.40
CA ASN A 493 12.90 -19.55 -17.13
C ASN A 493 13.67 -19.74 -18.44
N ASP A 494 14.60 -20.68 -18.47
CA ASP A 494 15.41 -20.82 -19.68
C ASP A 494 14.70 -21.65 -20.75
N LEU A 495 14.04 -22.74 -20.36
CA LEU A 495 13.56 -23.71 -21.35
C LEU A 495 12.07 -23.68 -21.61
N VAL A 496 11.27 -23.08 -20.73
CA VAL A 496 9.82 -23.05 -20.94
C VAL A 496 9.41 -21.58 -20.95
N GLY A 497 10.27 -20.74 -21.52
CA GLY A 497 10.05 -19.31 -21.48
C GLY A 497 8.99 -18.84 -22.46
N ILE A 498 9.25 -17.73 -23.15
CA ILE A 498 8.25 -17.17 -24.05
C ILE A 498 8.09 -18.05 -25.29
N ILE A 499 9.16 -18.22 -26.05
CA ILE A 499 9.13 -18.98 -27.29
C ILE A 499 9.66 -20.37 -26.99
N ARG A 500 8.80 -21.37 -27.17
CA ARG A 500 9.11 -22.75 -26.82
C ARG A 500 9.56 -23.52 -28.06
N LYS A 501 10.32 -24.59 -27.81
CA LYS A 501 10.75 -25.51 -28.86
C LYS A 501 10.60 -26.93 -28.34
N GLU A 502 10.19 -27.85 -29.22
CA GLU A 502 9.93 -29.20 -28.75
C GLU A 502 11.20 -29.92 -28.33
N ALA A 503 12.33 -29.56 -28.95
CA ALA A 503 13.59 -30.20 -28.60
C ALA A 503 14.10 -29.74 -27.24
N GLU A 504 13.78 -28.51 -26.84
CA GLU A 504 14.24 -28.00 -25.56
C GLU A 504 13.14 -27.92 -24.52
N ILE A 505 11.90 -28.24 -24.88
CA ILE A 505 10.83 -28.30 -23.89
C ILE A 505 10.70 -29.69 -23.27
N GLN A 506 11.36 -30.70 -23.85
CA GLN A 506 11.48 -31.98 -23.19
C GLN A 506 12.82 -32.15 -22.50
N GLU A 507 13.81 -31.31 -22.80
CA GLU A 507 14.99 -31.23 -21.97
C GLU A 507 14.64 -30.80 -20.56
N ALA A 508 13.78 -29.78 -20.43
CA ALA A 508 13.28 -29.39 -19.13
C ALA A 508 12.44 -30.51 -18.51
N LEU A 509 11.69 -31.22 -19.33
CA LEU A 509 10.89 -32.32 -18.84
C LEU A 509 11.75 -33.46 -18.30
N ASP A 510 12.96 -33.61 -18.84
CA ASP A 510 13.88 -34.66 -18.39
C ASP A 510 14.68 -34.21 -17.17
N ARG A 511 15.00 -32.93 -17.06
CA ARG A 511 15.72 -32.47 -15.89
C ARG A 511 14.81 -32.22 -14.69
N LEU A 512 13.51 -32.02 -14.91
CA LEU A 512 12.57 -31.99 -13.81
C LEU A 512 12.47 -33.34 -13.11
N GLN A 513 12.69 -34.43 -13.84
CA GLN A 513 12.71 -35.75 -13.22
C GLN A 513 13.84 -35.85 -12.20
N GLU A 514 15.05 -35.42 -12.60
CA GLU A 514 16.17 -35.46 -11.67
C GLU A 514 16.00 -34.46 -10.54
N LEU A 515 15.34 -33.34 -10.80
CA LEU A 515 15.10 -32.38 -9.73
C LEU A 515 14.12 -32.93 -8.71
N LYS A 516 13.06 -33.61 -9.16
CA LYS A 516 12.13 -34.22 -8.22
C LYS A 516 12.74 -35.44 -7.55
N ARG A 517 13.74 -36.05 -8.17
CA ARG A 517 14.45 -37.14 -7.50
C ARG A 517 15.39 -36.61 -6.43
N ARG A 518 15.98 -35.43 -6.66
CA ARG A 518 16.83 -34.80 -5.66
C ARG A 518 16.01 -34.16 -4.54
N TYR A 519 14.74 -33.83 -4.80
CA TYR A 519 13.87 -33.33 -3.75
C TYR A 519 13.66 -34.36 -2.65
N ALA A 520 13.87 -35.64 -2.95
CA ALA A 520 13.68 -36.68 -1.95
C ALA A 520 14.72 -36.66 -0.84
N ASN A 521 15.70 -35.77 -0.90
CA ASN A 521 16.73 -35.66 0.12
C ASN A 521 16.83 -34.26 0.70
N VAL A 522 15.78 -33.45 0.57
CA VAL A 522 15.84 -32.09 1.08
C VAL A 522 15.84 -32.13 2.60
N THR A 523 16.72 -31.32 3.20
CA THR A 523 16.84 -31.26 4.66
C THR A 523 16.71 -29.81 5.10
N VAL A 524 15.97 -29.60 6.18
CA VAL A 524 15.77 -28.30 6.78
C VAL A 524 16.55 -28.26 8.08
N GLU A 525 17.24 -27.16 8.32
CA GLU A 525 18.00 -26.96 9.54
C GLU A 525 17.19 -26.10 10.50
N GLY A 526 17.11 -26.53 11.75
CA GLY A 526 16.42 -25.76 12.77
C GLY A 526 15.16 -26.45 13.26
N GLY A 527 14.31 -25.66 13.90
CA GLY A 527 13.04 -26.12 14.40
C GLY A 527 11.88 -25.69 13.54
N ARG A 528 10.68 -25.76 14.12
CA ARG A 528 9.47 -25.45 13.40
C ARG A 528 8.95 -24.05 13.65
N VAL A 529 9.58 -23.28 14.55
CA VAL A 529 9.09 -21.96 14.89
C VAL A 529 9.54 -21.00 13.80
N PHE A 530 8.65 -20.76 12.83
CA PHE A 530 8.84 -19.84 11.70
C PHE A 530 10.19 -20.10 11.02
N ASN A 531 10.28 -21.26 10.39
CA ASN A 531 11.48 -21.67 9.67
C ASN A 531 11.23 -21.55 8.18
N PRO A 532 11.58 -20.43 7.55
CA PRO A 532 11.29 -20.28 6.12
C PRO A 532 11.97 -21.30 5.23
N GLY A 533 13.06 -21.91 5.68
CA GLY A 533 13.60 -23.05 4.94
C GLY A 533 12.63 -24.20 4.91
N TRP A 534 11.94 -24.46 6.02
CA TRP A 534 10.92 -25.48 6.08
C TRP A 534 9.75 -25.13 5.15
N HIS A 535 9.33 -23.87 5.17
CA HIS A 535 8.24 -23.44 4.30
C HIS A 535 8.60 -23.62 2.83
N LEU A 536 9.84 -23.31 2.47
CA LEU A 536 10.27 -23.49 1.09
C LEU A 536 10.35 -24.97 0.72
N ALA A 537 10.83 -25.80 1.64
CA ALA A 537 10.87 -27.23 1.37
C ALA A 537 9.48 -27.81 1.21
N ILE A 538 8.47 -27.18 1.83
CA ILE A 538 7.11 -27.66 1.68
C ILE A 538 6.52 -27.19 0.36
N ASP A 539 6.80 -25.95 -0.04
CA ASP A 539 6.25 -25.42 -1.29
C ASP A 539 6.96 -25.94 -2.54
N MET A 540 8.15 -26.53 -2.39
CA MET A 540 8.84 -27.09 -3.55
C MET A 540 8.04 -28.23 -4.16
N ARG A 541 7.28 -28.97 -3.36
CA ARG A 541 6.51 -30.07 -3.91
C ARG A 541 5.28 -29.61 -4.67
N ASN A 542 4.85 -28.36 -4.49
CA ASN A 542 3.82 -27.79 -5.33
C ASN A 542 4.41 -27.20 -6.61
N MET A 543 5.57 -26.53 -6.46
CA MET A 543 6.25 -26.02 -7.64
C MET A 543 6.61 -27.13 -8.62
N LEU A 544 7.04 -28.28 -8.10
CA LEU A 544 7.45 -29.38 -8.95
C LEU A 544 6.28 -30.05 -9.64
N LEU A 545 5.06 -29.90 -9.13
CA LEU A 545 3.88 -30.41 -9.82
C LEU A 545 3.40 -29.45 -10.89
N VAL A 546 3.29 -28.16 -10.54
CA VAL A 546 2.79 -27.22 -11.53
C VAL A 546 3.78 -27.06 -12.67
N SER A 547 5.07 -27.21 -12.41
CA SER A 547 6.05 -27.13 -13.50
C SER A 547 5.89 -28.28 -14.48
N GLU A 548 5.69 -29.49 -13.96
CA GLU A 548 5.47 -30.63 -14.83
C GLU A 548 4.19 -30.47 -15.63
N CYS A 549 3.13 -29.94 -15.01
CA CYS A 549 1.90 -29.68 -15.75
C CYS A 549 2.15 -28.71 -16.90
N VAL A 550 2.79 -27.57 -16.60
CA VAL A 550 3.03 -26.56 -17.63
C VAL A 550 3.83 -27.15 -18.78
N ALA A 551 4.91 -27.87 -18.45
CA ALA A 551 5.79 -28.38 -19.51
C ALA A 551 5.10 -29.46 -20.34
N LYS A 552 4.37 -30.36 -19.69
CA LYS A 552 3.71 -31.43 -20.42
C LYS A 552 2.58 -30.91 -21.29
N ALA A 553 1.93 -29.81 -20.90
CA ALA A 553 0.90 -29.24 -21.75
C ALA A 553 1.51 -28.46 -22.90
N ALA A 554 2.57 -27.68 -22.62
CA ALA A 554 3.21 -26.89 -23.65
C ALA A 554 3.92 -27.76 -24.68
N LEU A 555 4.29 -28.98 -24.33
CA LEU A 555 4.84 -29.87 -25.34
C LEU A 555 3.76 -30.41 -26.25
N GLN A 556 2.54 -30.57 -25.75
CA GLN A 556 1.50 -31.25 -26.51
C GLN A 556 0.66 -30.31 -27.35
N ARG A 557 0.50 -29.05 -26.95
CA ARG A 557 -0.22 -28.09 -27.80
C ARG A 557 0.70 -27.66 -28.92
N THR A 558 0.51 -28.23 -30.11
CA THR A 558 1.38 -27.98 -31.25
C THR A 558 0.81 -26.90 -32.17
N GLU A 559 0.72 -25.69 -31.64
CA GLU A 559 0.24 -24.53 -32.39
C GLU A 559 0.44 -23.30 -31.52
N SER A 560 0.66 -22.16 -32.17
CA SER A 560 0.85 -20.91 -31.44
C SER A 560 -0.47 -20.18 -31.30
N ARG A 561 -0.74 -19.69 -30.09
CA ARG A 561 -1.96 -18.94 -29.82
C ARG A 561 -1.77 -18.12 -28.56
N GLY A 562 -1.79 -16.80 -28.70
CA GLY A 562 -1.72 -15.92 -27.56
C GLY A 562 -0.50 -16.10 -26.68
N GLY A 563 -0.72 -16.56 -25.45
CA GLY A 563 0.34 -16.70 -24.48
C GLY A 563 1.24 -17.90 -24.66
N HIS A 564 0.98 -18.75 -25.64
CA HIS A 564 1.79 -19.93 -25.90
C HIS A 564 2.35 -19.82 -27.30
N THR A 565 3.65 -19.56 -27.41
CA THR A 565 4.33 -19.40 -28.68
C THR A 565 5.23 -20.60 -28.91
N ARG A 566 4.86 -21.46 -29.85
CA ARG A 566 5.79 -22.46 -30.31
C ARG A 566 6.72 -21.84 -31.35
N ASP A 567 7.68 -22.63 -31.80
CA ASP A 567 8.62 -22.16 -32.81
C ASP A 567 8.59 -22.99 -34.08
N ASP A 568 8.61 -24.32 -33.95
CA ASP A 568 8.45 -25.18 -35.10
C ASP A 568 7.01 -25.22 -35.61
N TYR A 569 6.08 -24.66 -34.86
CA TYR A 569 4.68 -24.54 -35.28
C TYR A 569 4.29 -23.07 -35.19
N PRO A 570 4.79 -22.24 -36.11
CA PRO A 570 4.47 -20.82 -36.07
C PRO A 570 3.08 -20.51 -36.55
N GLU A 571 2.46 -21.46 -37.25
CA GLU A 571 1.16 -21.27 -37.89
C GLU A 571 0.14 -21.14 -36.78
N MET A 572 -0.09 -19.89 -36.40
CA MET A 572 -1.14 -19.50 -35.49
C MET A 572 -2.42 -20.31 -35.73
N ASP A 573 -3.14 -20.55 -34.64
CA ASP A 573 -4.58 -20.76 -34.69
C ASP A 573 -4.97 -21.87 -35.67
N ALA A 574 -4.59 -23.09 -35.33
CA ALA A 574 -5.09 -24.28 -36.01
C ALA A 574 -6.50 -24.59 -35.49
N ASN A 575 -6.99 -25.80 -35.76
CA ASN A 575 -8.22 -26.28 -35.12
C ASN A 575 -7.95 -26.89 -33.74
N TRP A 576 -6.87 -26.47 -33.09
CA TRP A 576 -6.65 -26.73 -31.67
C TRP A 576 -7.42 -25.71 -30.86
N ARG A 577 -8.67 -25.49 -31.22
CA ARG A 577 -9.52 -24.50 -30.58
C ARG A 577 -10.62 -25.14 -29.74
N ASN A 578 -11.29 -26.14 -30.29
CA ASN A 578 -12.19 -26.98 -29.51
C ASN A 578 -11.43 -28.13 -28.87
N THR A 579 -10.34 -27.79 -28.19
CA THR A 579 -9.51 -28.76 -27.50
C THR A 579 -8.89 -28.06 -26.30
N LEU A 580 -8.93 -28.72 -25.13
CA LEU A 580 -8.56 -28.06 -23.90
C LEU A 580 -7.25 -28.52 -23.30
N LEU A 581 -6.81 -29.75 -23.57
CA LEU A 581 -5.51 -30.25 -23.13
C LEU A 581 -5.41 -30.22 -21.61
N VAL A 582 -6.21 -31.09 -21.00
CA VAL A 582 -6.42 -31.18 -19.56
C VAL A 582 -5.30 -31.98 -18.91
N CYS A 583 -5.17 -31.84 -17.59
CA CYS A 583 -4.15 -32.45 -16.74
C CYS A 583 -4.65 -32.97 -15.45
N ARG A 584 -4.26 -34.17 -15.10
CA ARG A 584 -4.75 -34.89 -13.98
C ARG A 584 -3.62 -35.79 -13.50
N VAL A 585 -3.65 -36.17 -12.23
CA VAL A 585 -2.62 -36.97 -11.63
C VAL A 585 -2.90 -38.41 -11.77
N SER A 586 -2.15 -39.09 -12.62
CA SER A 586 -2.35 -40.54 -12.70
C SER A 586 -2.19 -41.22 -11.34
N GLY A 587 -1.00 -41.12 -10.73
CA GLY A 587 -0.82 -41.73 -9.42
C GLY A 587 0.61 -41.80 -8.89
N GLY A 588 0.76 -41.57 -7.58
CA GLY A 588 2.06 -41.61 -6.94
C GLY A 588 1.99 -41.06 -5.52
N ASP A 589 3.10 -40.45 -5.09
CA ASP A 589 3.28 -39.86 -3.77
C ASP A 589 4.21 -38.64 -3.92
N PRO A 590 4.66 -37.96 -2.82
CA PRO A 590 4.55 -36.49 -2.74
C PRO A 590 4.59 -35.71 -4.04
N VAL A 591 5.58 -35.93 -4.91
CA VAL A 591 5.59 -35.31 -6.22
C VAL A 591 5.07 -36.35 -7.19
N VAL A 592 3.81 -36.19 -7.57
CA VAL A 592 3.05 -37.22 -8.26
C VAL A 592 3.20 -37.03 -9.77
N PRO A 593 3.24 -38.10 -10.58
CA PRO A 593 3.36 -37.91 -12.03
C PRO A 593 2.01 -37.57 -12.64
N ASP A 594 2.03 -36.61 -13.58
CA ASP A 594 0.83 -36.13 -14.24
C ASP A 594 0.61 -36.85 -15.56
N VAL A 595 -0.60 -36.70 -16.08
CA VAL A 595 -0.94 -37.14 -17.43
C VAL A 595 -1.80 -36.06 -18.06
N THR A 596 -1.62 -35.85 -19.36
CA THR A 596 -2.30 -34.80 -20.10
C THR A 596 -3.15 -35.42 -21.20
N VAL A 597 -4.41 -35.02 -21.27
CA VAL A 597 -5.41 -35.61 -22.15
C VAL A 597 -5.96 -34.48 -23.04
N THR A 598 -6.64 -34.88 -24.12
CA THR A 598 -7.16 -33.95 -25.12
C THR A 598 -8.68 -34.03 -25.18
N PRO A 599 -9.40 -33.24 -24.39
CA PRO A 599 -10.86 -33.20 -24.47
C PRO A 599 -11.37 -32.06 -25.34
N GLU A 600 -12.56 -32.26 -25.89
CA GLU A 600 -13.20 -31.23 -26.69
C GLU A 600 -13.89 -30.21 -25.78
N GLN A 601 -14.27 -29.08 -26.38
CA GLN A 601 -15.07 -28.06 -25.73
C GLN A 601 -16.52 -28.18 -26.18
N GLN A 602 -17.41 -27.57 -25.39
CA GLN A 602 -18.83 -27.62 -25.72
C GLN A 602 -19.12 -26.76 -26.94
N VAL A 603 -20.14 -27.17 -27.70
CA VAL A 603 -20.56 -26.52 -28.94
C VAL A 603 -20.60 -25.03 -28.67
N PRO A 604 -19.98 -24.20 -29.53
CA PRO A 604 -19.47 -22.90 -29.04
C PRO A 604 -20.51 -22.01 -28.40
N MET A 605 -21.52 -21.58 -29.14
CA MET A 605 -22.36 -20.51 -28.63
C MET A 605 -23.77 -20.65 -29.19
N ARG A 606 -24.75 -20.38 -28.34
CA ARG A 606 -26.14 -20.68 -28.71
C ARG A 606 -26.75 -19.71 -29.74
N PRO A 607 -27.25 -18.52 -29.40
CA PRO A 607 -27.15 -17.37 -30.33
C PRO A 607 -26.01 -16.41 -30.05
N ASP A 608 -25.03 -16.76 -29.22
CA ASP A 608 -23.93 -15.83 -28.98
C ASP A 608 -22.99 -15.83 -30.18
N LEU A 609 -23.54 -15.64 -31.37
CA LEU A 609 -22.81 -15.41 -32.62
C LEU A 609 -23.49 -14.17 -33.20
N LEU A 610 -23.00 -13.01 -32.77
CA LEU A 610 -23.84 -11.83 -32.69
C LEU A 610 -24.10 -11.22 -34.06
N GLY A 611 -23.06 -10.72 -34.70
CA GLY A 611 -23.16 -9.70 -35.71
C GLY A 611 -22.12 -8.66 -35.33
N CYS A 612 -21.96 -8.49 -34.02
CA CYS A 612 -20.65 -8.08 -33.50
C CYS A 612 -19.60 -9.13 -33.81
N PHE A 613 -19.98 -10.41 -33.72
CA PHE A 613 -19.21 -11.51 -34.27
C PHE A 613 -19.67 -11.72 -35.71
N GLU A 614 -18.94 -11.15 -36.66
CA GLU A 614 -19.24 -11.31 -38.07
C GLU A 614 -18.54 -12.56 -38.60
N LEU A 615 -19.08 -13.09 -39.70
CA LEU A 615 -18.44 -14.24 -40.33
C LEU A 615 -17.02 -13.92 -40.76
N SER A 616 -16.78 -12.73 -41.30
CA SER A 616 -15.43 -12.40 -41.74
C SER A 616 -14.43 -12.52 -40.60
N GLU A 617 -14.89 -12.36 -39.36
CA GLU A 617 -14.04 -12.44 -38.19
C GLU A 617 -14.03 -13.84 -37.57
N LEU A 618 -15.17 -14.53 -37.57
CA LEU A 618 -15.24 -15.86 -36.97
C LEU A 618 -14.52 -16.88 -37.83
N GLU A 619 -14.59 -16.73 -39.15
CA GLU A 619 -13.99 -17.72 -40.03
C GLU A 619 -12.46 -17.70 -40.00
N LYS A 620 -11.86 -16.68 -39.38
CA LYS A 620 -10.41 -16.69 -39.18
C LYS A 620 -10.00 -17.58 -38.02
N TYR A 621 -10.93 -17.95 -37.17
CA TYR A 621 -10.65 -18.72 -35.95
C TYR A 621 -11.32 -20.08 -35.93
N TYR A 622 -12.52 -20.20 -36.47
CA TYR A 622 -13.35 -21.38 -36.27
C TYR A 622 -13.22 -22.35 -37.43
N THR A 623 -13.41 -23.63 -37.11
CA THR A 623 -13.61 -24.64 -38.13
C THR A 623 -14.87 -24.28 -38.92
N PRO A 624 -14.97 -24.67 -40.19
CA PRO A 624 -16.22 -24.41 -40.92
C PRO A 624 -17.36 -25.24 -40.36
N GLU A 625 -17.67 -24.97 -39.09
CA GLU A 625 -18.64 -25.73 -38.32
C GLU A 625 -19.86 -24.92 -37.92
N GLU A 626 -19.88 -23.63 -38.22
CA GLU A 626 -21.00 -22.79 -37.79
C GLU A 626 -22.31 -23.32 -38.34
N LEU A 627 -22.50 -23.22 -39.66
CA LEU A 627 -23.68 -23.75 -40.33
C LEU A 627 -24.97 -23.10 -39.84
N ALA A 628 -24.86 -22.17 -38.90
CA ALA A 628 -26.02 -21.52 -38.32
C ALA A 628 -25.87 -20.00 -38.34
N GLU A 629 -24.63 -19.52 -38.16
CA GLU A 629 -24.39 -18.12 -37.88
C GLU A 629 -25.04 -17.21 -38.93
N HIS A 630 -24.79 -17.48 -40.20
CA HIS A 630 -25.10 -16.52 -41.24
C HIS A 630 -26.59 -16.22 -41.34
N PRO A 631 -27.01 -14.96 -41.31
CA PRO A 631 -28.37 -14.50 -41.61
C PRO A 631 -28.74 -14.71 -43.08
N ALA B 2 30.71 -1.93 -7.99
CA ALA B 2 31.35 -1.97 -6.67
C ALA B 2 30.61 -2.94 -5.78
N THR B 3 30.94 -4.22 -5.90
CA THR B 3 30.28 -5.27 -5.12
C THR B 3 31.14 -5.57 -3.89
N TYR B 4 31.01 -4.70 -2.90
CA TYR B 4 31.77 -4.79 -1.67
C TYR B 4 31.11 -5.76 -0.72
N ASP B 5 31.82 -6.09 0.36
CA ASP B 5 31.30 -6.91 1.45
C ASP B 5 30.76 -5.99 2.54
N ALA B 6 29.48 -6.12 2.85
CA ALA B 6 28.86 -5.31 3.88
C ALA B 6 29.04 -5.93 5.25
N LYS B 7 28.93 -5.11 6.28
CA LYS B 7 28.96 -5.55 7.67
C LYS B 7 27.58 -5.35 8.25
N LEU B 8 26.90 -6.45 8.53
CA LEU B 8 25.54 -6.44 9.03
C LEU B 8 25.52 -6.79 10.50
N ARG B 9 24.40 -6.48 11.14
CA ARG B 9 24.19 -6.81 12.55
C ARG B 9 22.69 -7.03 12.69
N VAL B 10 22.28 -8.29 12.65
CA VAL B 10 20.86 -8.66 12.66
C VAL B 10 20.49 -9.16 14.03
N TRP B 11 19.34 -8.71 14.53
CA TRP B 11 18.84 -9.20 15.81
C TRP B 11 18.26 -10.59 15.64
N ARG B 12 18.86 -11.57 16.30
CA ARG B 12 18.40 -12.95 16.27
C ARG B 12 17.89 -13.33 17.64
N GLY B 13 16.70 -13.91 17.70
CA GLY B 13 16.17 -14.39 18.96
C GLY B 13 14.67 -14.54 18.88
N ASP B 14 14.10 -14.90 20.02
CA ASP B 14 12.66 -15.05 20.20
C ASP B 14 12.23 -14.22 21.41
N ASP B 15 11.00 -14.47 21.85
CA ASP B 15 10.44 -13.80 23.02
C ASP B 15 11.15 -14.15 24.33
N THR B 16 12.16 -15.01 24.29
CA THR B 16 12.94 -15.35 25.47
C THR B 16 14.20 -14.50 25.60
N GLY B 17 14.53 -13.73 24.58
CA GLY B 17 15.73 -12.93 24.58
C GLY B 17 16.54 -13.15 23.32
N GLY B 18 17.40 -12.20 22.98
CA GLY B 18 18.19 -12.33 21.77
C GLY B 18 19.36 -11.39 21.78
N GLU B 19 20.12 -11.43 20.68
CA GLU B 19 21.34 -10.66 20.52
C GLU B 19 21.39 -10.10 19.11
N LEU B 20 22.38 -9.25 18.87
CA LEU B 20 22.74 -8.78 17.53
C LEU B 20 23.94 -9.58 17.07
N HIS B 21 23.80 -10.26 15.93
CA HIS B 21 24.85 -11.11 15.39
C HIS B 21 25.44 -10.45 14.16
N ASP B 22 26.73 -10.71 13.93
CA ASP B 22 27.50 -10.07 12.86
C ASP B 22 27.56 -10.99 11.65
N TYR B 23 27.24 -10.43 10.47
CA TYR B 23 27.29 -11.17 9.22
C TYR B 23 28.01 -10.34 8.17
N THR B 24 28.46 -11.02 7.11
CA THR B 24 29.21 -10.40 6.02
C THR B 24 28.63 -10.89 4.70
N VAL B 25 28.12 -9.97 3.89
CA VAL B 25 27.38 -10.31 2.67
C VAL B 25 27.86 -9.43 1.53
N GLU B 26 27.99 -10.02 0.34
CA GLU B 26 28.30 -9.24 -0.86
C GLU B 26 27.11 -8.39 -1.27
N VAL B 27 27.35 -7.09 -1.40
CA VAL B 27 26.31 -6.15 -1.82
C VAL B 27 26.65 -5.65 -3.21
N ASN B 28 25.83 -6.02 -4.18
CA ASN B 28 25.96 -5.52 -5.53
C ASN B 28 25.35 -4.13 -5.62
N ASP B 29 25.61 -3.45 -6.73
CA ASP B 29 25.23 -2.05 -6.87
C ASP B 29 23.75 -1.93 -7.18
N GLY B 30 23.04 -1.13 -6.40
CA GLY B 30 21.64 -0.88 -6.64
C GLY B 30 20.72 -2.00 -6.20
N GLU B 31 20.72 -2.31 -4.91
CA GLU B 31 19.81 -3.32 -4.39
C GLU B 31 19.47 -3.01 -2.94
N VAL B 32 18.24 -3.32 -2.56
CA VAL B 32 17.66 -2.95 -1.27
C VAL B 32 18.04 -3.93 -0.18
N VAL B 33 17.67 -3.61 1.06
CA VAL B 33 18.05 -4.42 2.22
C VAL B 33 17.47 -5.83 2.11
N LEU B 34 16.25 -5.96 1.60
CA LEU B 34 15.65 -7.29 1.47
C LEU B 34 16.49 -8.20 0.58
N ASP B 35 17.16 -7.65 -0.44
CA ASP B 35 18.03 -8.47 -1.26
C ASP B 35 19.18 -9.03 -0.45
N ILE B 36 19.75 -8.22 0.43
CA ILE B 36 20.83 -8.68 1.29
C ILE B 36 20.33 -9.73 2.27
N ILE B 37 19.12 -9.54 2.78
CA ILE B 37 18.56 -10.51 3.72
C ILE B 37 18.28 -11.83 3.02
N HIS B 38 17.80 -11.79 1.78
CA HIS B 38 17.53 -13.01 1.04
C HIS B 38 18.83 -13.72 0.68
N ARG B 39 19.88 -12.96 0.34
CA ARG B 39 21.18 -13.57 0.13
C ARG B 39 21.68 -14.25 1.39
N LEU B 40 21.51 -13.58 2.54
CA LEU B 40 21.90 -14.16 3.82
C LEU B 40 21.16 -15.47 4.09
N GLN B 41 19.86 -15.48 3.81
CA GLN B 41 19.09 -16.72 3.98
C GLN B 41 19.57 -17.81 3.03
N ALA B 42 19.86 -17.45 1.79
CA ALA B 42 20.21 -18.46 0.80
C ALA B 42 21.61 -19.02 1.02
N THR B 43 22.51 -18.26 1.66
CA THR B 43 23.87 -18.77 1.83
C THR B 43 24.29 -19.05 3.27
N GLN B 44 23.78 -18.32 4.26
CA GLN B 44 24.32 -18.44 5.61
C GLN B 44 23.31 -18.92 6.64
N THR B 45 22.17 -18.26 6.76
CA THR B 45 21.20 -18.52 7.83
C THR B 45 19.85 -18.84 7.22
N PRO B 46 19.57 -20.12 6.95
CA PRO B 46 18.34 -20.47 6.23
C PRO B 46 17.08 -20.22 7.03
N ASP B 47 17.16 -20.23 8.35
CA ASP B 47 16.00 -20.12 9.23
C ASP B 47 15.85 -18.73 9.82
N LEU B 48 16.16 -17.69 9.07
CA LEU B 48 16.03 -16.32 9.56
C LEU B 48 14.64 -15.80 9.22
N ALA B 49 13.90 -15.39 10.24
CA ALA B 49 12.54 -14.91 10.04
C ALA B 49 12.55 -13.55 9.35
N VAL B 50 11.75 -13.39 8.30
CA VAL B 50 11.74 -12.10 7.60
C VAL B 50 10.35 -11.52 7.45
N ARG B 51 9.41 -12.31 6.93
CA ARG B 51 8.04 -11.88 6.62
C ARG B 51 8.02 -10.76 5.57
N TRP B 52 8.38 -11.14 4.36
CA TRP B 52 8.12 -10.36 3.16
C TRP B 52 7.05 -11.04 2.33
N ASN B 53 6.33 -10.26 1.52
CA ASN B 53 5.40 -10.82 0.56
C ASN B 53 5.71 -10.42 -0.87
N CYS B 54 5.80 -9.12 -1.13
CA CYS B 54 6.16 -8.61 -2.44
C CYS B 54 7.13 -7.79 -3.28
N LYS B 55 7.99 -7.03 -2.63
CA LYS B 55 9.04 -6.31 -3.34
C LYS B 55 8.70 -5.19 -4.31
N ALA B 56 7.80 -4.33 -3.90
CA ALA B 56 7.57 -3.08 -4.62
C ALA B 56 7.15 -1.93 -3.72
N GLY B 57 7.11 -2.13 -2.41
CA GLY B 57 6.24 -1.34 -1.57
C GLY B 57 4.77 -1.01 -1.80
N LYS B 58 3.93 -2.02 -1.96
CA LYS B 58 2.47 -1.85 -1.87
C LYS B 58 1.94 -2.83 -0.83
N CYS B 59 2.60 -3.15 0.22
CA CYS B 59 2.13 -3.98 1.33
C CYS B 59 2.10 -3.78 2.82
N GLY B 60 3.40 -3.56 3.34
CA GLY B 60 3.47 -3.46 4.77
C GLY B 60 4.03 -4.68 5.45
N SER B 61 4.50 -5.64 4.66
CA SER B 61 5.00 -6.88 5.24
C SER B 61 6.42 -6.71 5.77
N CYS B 62 7.27 -6.09 4.96
CA CYS B 62 8.69 -5.93 5.26
C CYS B 62 9.10 -4.77 6.17
N SER B 63 8.27 -4.45 7.15
CA SER B 63 8.63 -3.39 8.08
C SER B 63 9.65 -3.88 9.09
N ALA B 64 10.67 -3.07 9.33
CA ALA B 64 11.66 -3.34 10.37
C ALA B 64 12.27 -2.02 10.79
N GLU B 65 13.36 -2.08 11.55
CA GLU B 65 14.09 -0.89 11.98
C GLU B 65 15.50 -1.00 11.44
N ILE B 66 15.78 -0.27 10.35
CA ILE B 66 16.94 -0.59 9.52
C ILE B 66 18.23 -0.09 10.15
N ASN B 67 18.23 1.11 10.68
CA ASN B 67 19.39 1.58 11.42
C ASN B 67 18.95 2.44 12.60
N GLY B 68 17.95 1.96 13.33
CA GLY B 68 17.27 2.77 14.31
C GLY B 68 16.06 3.50 13.79
N ARG B 69 15.80 3.44 12.50
CA ARG B 69 14.68 4.14 11.88
C ARG B 69 13.69 3.11 11.35
N PRO B 70 12.40 3.23 11.67
CA PRO B 70 11.41 2.28 11.13
C PRO B 70 11.23 2.48 9.65
N ARG B 71 11.56 1.45 8.86
CA ARG B 71 11.50 1.53 7.41
C ARG B 71 11.03 0.21 6.84
N LEU B 72 10.57 0.26 5.59
CA LEU B 72 10.33 -0.94 4.82
C LEU B 72 11.65 -1.49 4.30
N MET B 73 11.84 -2.80 4.44
CA MET B 73 13.09 -3.41 4.02
C MET B 73 13.22 -3.49 2.50
N CYS B 74 12.09 -3.52 1.79
CA CYS B 74 12.10 -3.60 0.34
C CYS B 74 12.28 -2.25 -0.36
N MET B 75 12.44 -1.19 0.43
CA MET B 75 12.62 0.14 -0.11
C MET B 75 13.89 0.82 0.36
N THR B 76 14.49 0.35 1.46
CA THR B 76 15.74 0.93 1.95
C THR B 76 16.86 0.57 0.97
N ARG B 77 17.51 1.59 0.42
CA ARG B 77 18.27 1.42 -0.81
C ARG B 77 19.64 0.79 -0.62
N MET B 78 20.16 0.72 0.60
CA MET B 78 21.46 0.12 0.89
C MET B 78 22.59 0.94 0.30
N SER B 79 22.26 1.98 -0.45
CA SER B 79 23.22 2.99 -0.87
C SER B 79 23.23 4.18 0.07
N THR B 80 22.18 4.32 0.87
CA THR B 80 22.13 5.31 1.93
C THR B 80 23.30 5.19 2.88
N PHE B 81 23.87 3.99 2.99
CA PHE B 81 24.90 3.69 3.98
C PHE B 81 26.25 3.62 3.31
N GLY B 82 27.27 4.14 3.99
CA GLY B 82 28.63 4.03 3.48
C GLY B 82 29.05 2.58 3.33
N GLU B 83 30.06 2.37 2.50
CA GLU B 83 30.57 1.03 2.27
C GLU B 83 31.33 0.49 3.46
N ASP B 84 31.70 1.35 4.42
CA ASP B 84 32.53 0.97 5.54
C ASP B 84 31.79 1.03 6.88
N GLU B 85 30.48 1.24 6.86
CA GLU B 85 29.69 1.34 8.07
C GLU B 85 28.78 0.13 8.24
N VAL B 86 28.43 -0.15 9.48
CA VAL B 86 27.66 -1.33 9.84
C VAL B 86 26.17 -1.00 9.77
N VAL B 87 25.39 -1.96 9.28
CA VAL B 87 23.95 -1.80 9.17
C VAL B 87 23.29 -2.71 10.19
N THR B 88 22.45 -2.15 11.05
CA THR B 88 21.90 -2.85 12.19
C THR B 88 20.39 -3.03 12.01
N VAL B 89 19.99 -4.25 11.65
CA VAL B 89 18.58 -4.56 11.39
C VAL B 89 18.00 -5.28 12.61
N THR B 90 16.90 -4.74 13.13
CA THR B 90 16.19 -5.29 14.27
C THR B 90 14.71 -5.23 13.97
N PRO B 91 13.92 -6.06 14.64
CA PRO B 91 12.45 -5.98 14.46
C PRO B 91 11.89 -4.69 15.02
N LEU B 92 10.61 -4.48 14.78
CA LEU B 92 9.92 -3.35 15.37
C LEU B 92 9.90 -3.48 16.88
N ARG B 93 10.28 -2.41 17.58
CA ARG B 93 10.46 -2.46 19.02
C ARG B 93 9.22 -2.05 19.80
N THR B 94 8.06 -1.94 19.15
CA THR B 94 6.81 -1.66 19.84
C THR B 94 5.96 -2.91 20.04
N PHE B 95 5.93 -3.80 19.08
CA PHE B 95 5.08 -4.97 19.18
C PHE B 95 5.86 -6.15 19.74
N PRO B 96 5.17 -7.14 20.28
CA PRO B 96 5.86 -8.32 20.79
C PRO B 96 6.59 -9.05 19.68
N VAL B 97 7.80 -9.51 19.98
CA VAL B 97 8.61 -10.22 19.01
C VAL B 97 8.16 -11.67 18.96
N MET B 98 8.08 -12.22 17.75
CA MET B 98 7.80 -13.64 17.57
C MET B 98 9.06 -14.44 17.31
N ARG B 99 9.85 -14.01 16.34
CA ARG B 99 11.16 -14.58 16.10
C ARG B 99 12.05 -13.47 15.53
N ASP B 100 13.14 -13.84 14.86
CA ASP B 100 14.25 -12.95 14.56
C ASP B 100 13.82 -11.54 14.16
N LEU B 101 13.11 -11.40 13.04
CA LEU B 101 12.72 -10.10 12.54
C LEU B 101 11.22 -9.96 12.39
N VAL B 102 10.44 -10.91 12.87
CA VAL B 102 9.00 -10.93 12.71
C VAL B 102 8.36 -10.63 14.06
N THR B 103 7.51 -9.62 14.11
CA THR B 103 6.79 -9.22 15.31
C THR B 103 5.33 -9.60 15.20
N ASP B 104 4.63 -9.54 16.33
CA ASP B 104 3.22 -9.92 16.41
C ASP B 104 2.36 -8.68 16.25
N VAL B 105 1.94 -8.42 15.02
CA VAL B 105 1.09 -7.26 14.72
C VAL B 105 -0.35 -7.75 14.82
N SER B 106 -0.89 -7.71 16.05
CA SER B 106 -2.24 -8.17 16.29
C SER B 106 -3.02 -7.13 17.07
N PHE B 107 -2.31 -6.32 17.85
CA PHE B 107 -2.90 -5.18 18.52
C PHE B 107 -3.68 -4.33 17.54
N ASN B 108 -3.06 -4.04 16.40
CA ASN B 108 -3.66 -3.22 15.35
C ASN B 108 -4.47 -4.02 14.36
N TYR B 109 -4.84 -5.24 14.71
CA TYR B 109 -5.92 -5.95 14.04
C TYR B 109 -7.13 -6.13 14.93
N GLU B 110 -6.95 -6.10 16.25
CA GLU B 110 -8.08 -5.98 17.17
C GLU B 110 -8.51 -4.55 17.37
N LYS B 111 -7.64 -3.57 17.07
CA LYS B 111 -8.08 -2.18 17.04
C LYS B 111 -8.90 -1.90 15.81
N ALA B 112 -8.76 -2.73 14.77
CA ALA B 112 -9.50 -2.50 13.53
C ALA B 112 -11.00 -2.76 13.72
N ARG B 113 -11.36 -3.82 14.44
CA ARG B 113 -12.76 -4.13 14.65
C ARG B 113 -13.29 -3.51 15.93
N GLN B 114 -13.02 -2.22 16.11
CA GLN B 114 -13.60 -1.47 17.21
C GLN B 114 -14.14 -0.15 16.68
N ILE B 115 -13.54 0.32 15.59
CA ILE B 115 -13.99 1.55 14.94
C ILE B 115 -15.23 1.24 14.12
N PRO B 116 -16.31 2.00 14.27
CA PRO B 116 -17.51 1.76 13.45
C PRO B 116 -17.19 1.89 11.98
N SER B 117 -17.86 1.07 11.18
CA SER B 117 -17.54 0.99 9.76
C SER B 117 -18.40 1.96 8.97
N PHE B 118 -18.11 2.04 7.67
CA PHE B 118 -18.87 2.89 6.78
C PHE B 118 -20.31 2.43 6.72
N THR B 119 -21.25 3.36 6.95
CA THR B 119 -22.66 3.08 6.82
C THR B 119 -23.27 4.08 5.84
N PRO B 120 -23.90 3.63 4.77
CA PRO B 120 -24.56 4.55 3.86
C PRO B 120 -25.99 4.79 4.29
N PRO B 121 -26.70 5.73 3.65
CA PRO B 121 -28.12 5.90 3.96
C PRO B 121 -28.90 4.63 3.67
N LYS B 122 -29.90 4.35 4.49
CA LYS B 122 -30.65 3.11 4.34
C LYS B 122 -31.86 3.28 3.42
N ASP B 123 -31.64 3.95 2.30
CA ASP B 123 -32.53 3.89 1.15
C ASP B 123 -31.80 3.83 -0.17
N LEU B 124 -30.54 4.24 -0.21
CA LEU B 124 -29.82 4.43 -1.47
C LEU B 124 -29.49 3.07 -2.09
N GLN B 125 -29.59 3.01 -3.41
CA GLN B 125 -29.30 1.79 -4.14
C GLN B 125 -27.86 1.80 -4.64
N PRO B 126 -27.31 0.63 -4.95
CA PRO B 126 -25.87 0.59 -5.31
C PRO B 126 -25.51 1.36 -6.57
N GLY B 127 -26.36 1.36 -7.59
CA GLY B 127 -26.02 2.09 -8.78
C GLY B 127 -26.33 3.58 -8.74
N GLU B 128 -26.68 4.12 -7.58
CA GLU B 128 -27.18 5.48 -7.47
C GLU B 128 -26.36 6.34 -6.50
N TYR B 129 -25.08 6.03 -6.36
CA TYR B 129 -24.18 6.82 -5.52
C TYR B 129 -23.57 7.92 -6.37
N ARG B 130 -23.77 9.17 -5.98
CA ARG B 130 -23.24 10.32 -6.70
C ARG B 130 -22.36 11.13 -5.78
N MET B 131 -21.07 11.22 -6.11
CA MET B 131 -20.12 12.01 -5.34
C MET B 131 -19.25 12.81 -6.30
N GLN B 132 -18.97 14.05 -5.95
CA GLN B 132 -18.08 14.86 -6.77
C GLN B 132 -16.63 14.63 -6.35
N GLN B 133 -15.73 14.93 -7.26
CA GLN B 133 -14.32 14.61 -7.05
C GLN B 133 -13.74 15.40 -5.87
N GLU B 134 -14.14 16.65 -5.73
CA GLU B 134 -13.64 17.44 -4.61
C GLU B 134 -14.15 16.95 -3.27
N ASP B 135 -15.25 16.20 -3.25
CA ASP B 135 -15.75 15.63 -2.02
C ASP B 135 -14.96 14.39 -1.62
N VAL B 136 -14.52 13.60 -2.60
CA VAL B 136 -13.78 12.38 -2.30
C VAL B 136 -12.28 12.60 -2.22
N ASN B 137 -11.80 13.78 -2.60
CA ASN B 137 -10.36 14.03 -2.62
C ASN B 137 -9.73 13.89 -1.24
N ARG B 138 -10.43 14.34 -0.20
CA ARG B 138 -9.83 14.35 1.14
C ARG B 138 -9.68 12.94 1.68
N SER B 139 -10.63 12.06 1.40
CA SER B 139 -10.57 10.69 1.90
C SER B 139 -9.71 9.80 1.02
N GLN B 140 -9.58 10.13 -0.27
CA GLN B 140 -8.78 9.30 -1.16
C GLN B 140 -7.32 9.33 -0.78
N GLU B 141 -6.87 10.36 -0.07
CA GLU B 141 -5.48 10.38 0.37
C GLU B 141 -5.24 9.41 1.50
N PHE B 142 -6.16 9.34 2.47
CA PHE B 142 -6.03 8.38 3.55
C PHE B 142 -6.27 6.97 3.07
N ARG B 143 -7.00 6.79 1.99
CA ARG B 143 -7.15 5.43 1.47
C ARG B 143 -5.89 4.91 0.78
N LYS B 144 -4.75 5.60 0.80
CA LYS B 144 -3.52 5.11 0.21
C LYS B 144 -2.72 4.23 1.16
N CYS B 145 -3.42 3.93 2.32
CA CYS B 145 -2.67 3.24 3.36
C CYS B 145 -2.27 1.76 3.33
N ILE B 146 -0.98 1.55 2.66
CA ILE B 146 -0.55 0.17 2.82
C ILE B 146 -0.29 -0.06 4.29
N GLU B 147 -0.90 -1.07 4.87
CA GLU B 147 -0.88 -1.16 6.32
C GLU B 147 0.50 -1.60 6.80
N CYS B 148 1.45 -0.68 6.81
CA CYS B 148 2.81 -0.98 7.26
C CYS B 148 2.92 -0.97 8.78
N PHE B 149 2.12 -0.14 9.43
CA PHE B 149 2.12 -0.03 10.88
C PHE B 149 3.43 0.56 11.40
N LEU B 150 4.20 1.19 10.52
CA LEU B 150 5.34 1.96 10.98
C LEU B 150 4.89 3.16 11.80
N CYS B 151 3.74 3.70 11.43
CA CYS B 151 3.15 4.82 12.14
C CYS B 151 2.81 4.34 13.54
N GLN B 152 2.21 3.16 13.64
CA GLN B 152 1.86 2.59 14.93
C GLN B 152 3.10 2.23 15.73
N ASN B 153 4.21 1.94 15.06
CA ASN B 153 5.43 1.56 15.75
C ASN B 153 6.13 2.77 16.36
N VAL B 154 6.15 3.88 15.64
CA VAL B 154 6.98 5.00 16.05
C VAL B 154 6.31 5.88 17.09
N CYS B 155 4.97 5.87 17.15
CA CYS B 155 4.26 6.69 18.11
C CYS B 155 4.76 6.45 19.54
N HIS B 156 5.28 7.50 20.19
CA HIS B 156 5.77 7.35 21.55
C HIS B 156 4.67 7.04 22.55
N VAL B 157 3.41 7.29 22.21
CA VAL B 157 2.33 7.03 23.15
C VAL B 157 2.24 5.55 23.47
N VAL B 158 2.43 4.71 22.46
CA VAL B 158 2.33 3.26 22.61
C VAL B 158 3.72 2.65 22.62
N ARG B 159 4.68 3.34 22.02
CA ARG B 159 6.02 2.77 21.91
C ARG B 159 6.76 2.83 23.23
N ASP B 160 6.56 3.91 23.99
CA ASP B 160 7.31 4.10 25.22
C ASP B 160 6.48 3.85 26.47
N HIS B 161 5.18 3.60 26.33
CA HIS B 161 4.29 3.38 27.45
C HIS B 161 3.37 2.22 27.11
N GLU B 162 3.50 1.12 27.85
CA GLU B 162 2.71 -0.07 27.56
C GLU B 162 1.28 0.08 28.05
N GLU B 163 1.07 0.81 29.15
CA GLU B 163 -0.25 0.97 29.71
C GLU B 163 -1.17 1.82 28.85
N ASN B 164 -0.64 2.50 27.84
CA ASN B 164 -1.44 3.29 26.92
C ASN B 164 -1.89 2.50 25.70
N LYS B 165 -1.54 1.22 25.61
CA LYS B 165 -2.00 0.41 24.48
C LYS B 165 -3.52 0.23 24.53
N GLU B 166 -4.08 0.20 25.74
CA GLU B 166 -5.52 0.00 25.89
C GLU B 166 -6.31 1.26 25.63
N ASN B 167 -5.69 2.43 25.74
CA ASN B 167 -6.39 3.71 25.65
C ASN B 167 -6.20 4.43 24.33
N PHE B 168 -5.12 4.16 23.63
CA PHE B 168 -4.81 4.83 22.37
C PHE B 168 -4.94 3.85 21.22
N ALA B 169 -5.56 4.30 20.14
CA ALA B 169 -5.72 3.46 18.96
C ALA B 169 -4.56 3.58 17.98
N GLY B 170 -3.82 4.68 18.02
CA GLY B 170 -2.68 4.84 17.15
C GLY B 170 -2.98 5.81 16.03
N PRO B 171 -1.94 6.26 15.33
CA PRO B 171 -2.16 7.22 14.24
C PRO B 171 -2.92 6.63 13.05
N ARG B 172 -2.67 5.36 12.76
CA ARG B 172 -3.34 4.69 11.65
C ARG B 172 -4.85 4.59 11.81
N PHE B 173 -5.30 4.32 13.04
CA PHE B 173 -6.70 4.13 13.32
C PHE B 173 -7.39 5.40 13.77
N HIS B 174 -6.67 6.51 13.86
CA HIS B 174 -7.30 7.81 13.91
C HIS B 174 -7.38 8.45 12.53
N MET B 175 -6.43 8.12 11.65
CA MET B 175 -6.57 8.47 10.24
C MET B 175 -7.77 7.75 9.62
N ARG B 176 -8.00 6.51 10.03
CA ARG B 176 -9.21 5.78 9.61
C ARG B 176 -10.48 6.52 10.03
N ILE B 177 -10.53 6.95 11.29
CA ILE B 177 -11.69 7.68 11.78
C ILE B 177 -11.86 8.99 11.02
N ALA B 178 -10.75 9.67 10.73
CA ALA B 178 -10.81 10.91 9.97
C ALA B 178 -11.39 10.68 8.58
N GLU B 179 -10.92 9.65 7.89
CA GLU B 179 -11.38 9.42 6.52
C GLU B 179 -12.79 8.85 6.47
N LEU B 180 -13.25 8.23 7.55
CA LEU B 180 -14.67 7.90 7.63
C LEU B 180 -15.52 9.12 7.96
N ASP B 181 -14.95 10.08 8.68
CA ASP B 181 -15.68 11.29 9.00
C ASP B 181 -15.80 12.21 7.79
N MET B 182 -14.79 12.22 6.93
CA MET B 182 -14.79 13.06 5.75
C MET B 182 -15.44 12.42 4.54
N HIS B 183 -15.91 11.19 4.67
CA HIS B 183 -16.62 10.55 3.57
C HIS B 183 -17.91 11.30 3.30
N PRO B 184 -18.19 11.68 2.05
CA PRO B 184 -19.38 12.49 1.78
C PRO B 184 -20.69 11.77 1.98
N LEU B 185 -20.69 10.45 2.12
CA LEU B 185 -21.94 9.69 2.21
C LEU B 185 -22.09 8.94 3.52
N ASP B 186 -21.14 9.04 4.44
CA ASP B 186 -21.25 8.35 5.71
C ASP B 186 -22.30 9.03 6.61
N THR B 187 -22.65 8.36 7.69
CA THR B 187 -23.75 8.85 8.54
C THR B 187 -23.39 8.94 10.02
N VAL B 188 -22.59 8.02 10.55
CA VAL B 188 -22.26 8.05 11.97
C VAL B 188 -21.32 9.20 12.27
N ASP B 189 -21.38 9.70 13.50
CA ASP B 189 -20.59 10.88 13.88
C ASP B 189 -19.14 10.51 14.17
N ARG B 190 -18.92 9.70 15.20
CA ARG B 190 -17.61 9.23 15.66
C ARG B 190 -16.75 10.31 16.30
N LYS B 191 -17.19 11.57 16.34
CA LYS B 191 -16.36 12.61 16.93
C LYS B 191 -16.25 12.45 18.44
N GLU B 192 -17.32 12.06 19.11
CA GLU B 192 -17.27 11.88 20.55
C GLU B 192 -16.43 10.68 20.92
N MET B 193 -16.60 9.57 20.20
CA MET B 193 -15.87 8.36 20.52
C MET B 193 -14.40 8.44 20.13
N ALA B 194 -14.06 9.25 19.13
CA ALA B 194 -12.65 9.42 18.78
C ALA B 194 -11.85 9.97 19.96
N GLN B 195 -12.49 10.74 20.83
CA GLN B 195 -11.85 11.30 22.00
C GLN B 195 -12.09 10.49 23.26
N ASP B 196 -13.29 9.92 23.43
CA ASP B 196 -13.62 9.25 24.69
C ASP B 196 -13.20 7.78 24.69
N GLU B 197 -13.30 7.10 23.56
CA GLU B 197 -13.02 5.67 23.49
C GLU B 197 -11.64 5.35 22.94
N PHE B 198 -11.18 6.07 21.93
CA PHE B 198 -9.91 5.79 21.29
C PHE B 198 -8.82 6.78 21.66
N GLY B 199 -9.06 7.61 22.66
CA GLY B 199 -8.04 8.47 23.23
C GLY B 199 -7.29 9.35 22.26
N LEU B 200 -8.00 10.14 21.45
CA LEU B 200 -7.31 11.05 20.55
C LEU B 200 -6.52 12.10 21.30
N GLY B 201 -6.92 12.41 22.54
CA GLY B 201 -6.22 13.39 23.33
C GLY B 201 -4.84 12.98 23.77
N TYR B 202 -4.39 11.78 23.55
CA TYR B 202 -3.12 11.36 23.97
C TYR B 202 -2.09 11.67 22.98
N CYS B 203 -2.44 12.23 21.86
CA CYS B 203 -1.51 12.58 20.89
C CYS B 203 -1.13 13.94 20.99
N ASN B 204 0.10 14.16 21.37
CA ASN B 204 0.66 15.48 21.14
C ASN B 204 1.15 15.54 19.70
N ILE B 205 1.22 16.74 19.17
CA ILE B 205 1.24 16.89 17.72
C ILE B 205 2.67 16.74 17.20
N THR B 206 3.57 16.28 18.05
CA THR B 206 4.94 15.97 17.60
C THR B 206 4.86 14.92 16.52
N LYS B 207 5.05 15.32 15.26
CA LYS B 207 4.52 14.54 14.15
C LYS B 207 5.04 13.11 14.17
N CYS B 208 6.31 12.91 13.86
CA CYS B 208 7.03 11.68 14.19
C CYS B 208 6.42 10.44 13.55
N CYS B 209 5.22 10.62 13.01
CA CYS B 209 4.50 9.55 12.34
C CYS B 209 4.58 9.90 10.86
N THR B 210 4.18 11.14 10.56
CA THR B 210 4.27 11.63 9.19
C THR B 210 5.67 11.43 8.64
N GLU B 211 6.66 11.27 9.52
CA GLU B 211 8.05 11.15 9.12
C GLU B 211 8.42 9.75 8.67
N VAL B 212 7.60 8.75 8.97
CA VAL B 212 7.93 7.36 8.67
C VAL B 212 6.99 6.73 7.66
N CYS B 213 5.90 7.41 7.28
CA CYS B 213 4.96 6.82 6.33
C CYS B 213 5.55 6.63 4.94
N PRO B 214 5.65 5.37 4.46
CA PRO B 214 6.18 5.17 3.12
C PRO B 214 5.35 5.82 2.04
N GLU B 215 4.04 5.96 2.27
CA GLU B 215 3.15 6.55 1.30
C GLU B 215 3.14 8.07 1.35
N HIS B 216 3.87 8.67 2.28
CA HIS B 216 3.96 10.12 2.40
C HIS B 216 2.58 10.72 2.63
N ILE B 217 1.80 10.09 3.50
CA ILE B 217 0.52 10.63 3.91
C ILE B 217 0.76 11.67 5.00
N LYS B 218 0.16 12.85 4.84
CA LYS B 218 0.27 13.92 5.83
C LYS B 218 -0.68 13.59 6.97
N ILE B 219 -0.28 12.60 7.79
CA ILE B 219 -1.16 12.07 8.82
C ILE B 219 -1.52 13.15 9.82
N THR B 220 -0.53 13.89 10.30
CA THR B 220 -0.78 14.84 11.38
C THR B 220 -1.52 16.07 10.88
N ASP B 221 -1.08 16.63 9.75
CA ASP B 221 -1.67 17.87 9.27
C ASP B 221 -3.02 17.66 8.63
N ASN B 222 -3.27 16.50 8.01
CA ASN B 222 -4.49 16.29 7.27
C ASN B 222 -5.52 15.43 8.00
N ALA B 223 -5.11 14.67 9.01
CA ALA B 223 -6.04 13.77 9.69
C ALA B 223 -6.14 14.01 11.19
N LEU B 224 -5.04 14.26 11.87
CA LEU B 224 -5.06 14.31 13.33
C LEU B 224 -5.43 15.69 13.86
N ILE B 225 -4.82 16.74 13.30
CA ILE B 225 -5.18 18.10 13.71
C ILE B 225 -6.60 18.46 13.30
N PRO B 226 -7.06 18.14 12.09
CA PRO B 226 -8.49 18.36 11.79
C PRO B 226 -9.42 17.64 12.74
N MET B 227 -9.12 16.40 13.12
CA MET B 227 -10.00 15.69 14.04
C MET B 227 -9.95 16.29 15.43
N LYS B 228 -8.77 16.77 15.86
CA LYS B 228 -8.70 17.45 17.14
C LYS B 228 -9.55 18.71 17.14
N GLU B 229 -9.52 19.46 16.04
CA GLU B 229 -10.37 20.65 15.95
C GLU B 229 -11.85 20.27 15.92
N ARG B 230 -12.18 19.17 15.25
CA ARG B 230 -13.58 18.73 15.20
C ARG B 230 -14.08 18.25 16.56
N VAL B 231 -13.17 17.74 17.39
CA VAL B 231 -13.56 17.38 18.76
C VAL B 231 -13.64 18.60 19.65
N ALA B 232 -12.80 19.61 19.40
CA ALA B 232 -12.90 20.85 20.14
C ALA B 232 -14.19 21.57 19.84
N ASP B 233 -14.69 21.45 18.61
CA ASP B 233 -16.01 21.99 18.27
C ASP B 233 -17.09 21.42 19.18
N ARG B 234 -17.02 20.12 19.47
CA ARG B 234 -18.09 19.45 20.18
C ARG B 234 -17.96 19.59 21.69
N LYS B 235 -16.73 19.58 22.21
CA LYS B 235 -16.52 19.51 23.64
C LYS B 235 -15.95 20.77 24.27
N TYR B 236 -15.09 21.50 23.57
CA TYR B 236 -14.32 22.58 24.18
C TYR B 236 -14.59 23.94 23.55
N ASP B 237 -15.68 24.11 22.82
CA ASP B 237 -16.00 25.38 22.21
C ASP B 237 -17.07 26.07 23.02
N PRO B 238 -16.76 27.14 23.77
CA PRO B 238 -17.76 27.74 24.66
C PRO B 238 -18.87 28.47 23.95
N ILE B 239 -18.89 28.42 22.62
CA ILE B 239 -19.95 29.07 21.86
C ILE B 239 -21.16 28.14 21.82
N VAL B 240 -22.01 28.27 22.83
CA VAL B 240 -23.23 27.47 22.92
C VAL B 240 -24.34 28.33 23.53
N ALA C 10 11.73 -3.12 32.09
CA ALA C 10 11.47 -1.75 32.51
C ALA C 10 10.21 -1.22 31.84
N THR C 11 10.28 -0.04 31.22
CA THR C 11 9.05 0.65 30.87
C THR C 11 8.55 0.46 29.45
N GLY C 12 9.28 0.95 28.44
CA GLY C 12 8.60 1.10 27.17
C GLY C 12 9.12 0.34 25.98
N VAL C 13 10.44 0.21 25.88
CA VAL C 13 11.06 -0.70 24.93
C VAL C 13 11.90 -1.74 25.63
N PHE C 14 11.98 -1.65 26.95
CA PHE C 14 12.57 -2.67 27.81
C PHE C 14 11.51 -3.50 28.51
N SER C 15 10.28 -3.49 27.99
CA SER C 15 9.23 -4.32 28.53
C SER C 15 9.54 -5.79 28.27
N PRO C 16 9.03 -6.70 29.09
CA PRO C 16 9.44 -8.10 28.99
C PRO C 16 9.02 -8.79 27.69
N ARG C 17 8.08 -8.25 26.93
CA ARG C 17 7.56 -8.94 25.76
C ARG C 17 8.12 -8.40 24.44
N ARG C 18 8.92 -7.34 24.47
CA ARG C 18 9.47 -6.76 23.26
C ARG C 18 10.87 -7.28 23.03
N ALA C 19 11.41 -7.01 21.83
CA ALA C 19 12.73 -7.48 21.47
C ALA C 19 13.77 -6.94 22.43
N GLN C 20 14.72 -7.79 22.80
CA GLN C 20 15.66 -7.49 23.88
C GLN C 20 16.86 -6.73 23.33
N ILE C 21 16.67 -5.42 23.14
CA ILE C 21 17.75 -4.50 22.79
C ILE C 21 17.96 -3.57 23.99
N PRO C 22 19.14 -3.59 24.63
CA PRO C 22 19.38 -2.78 25.82
C PRO C 22 19.86 -1.36 25.50
N GLU C 23 19.23 -0.73 24.52
CA GLU C 23 19.70 0.54 23.99
C GLU C 23 18.57 1.55 24.00
N ARG C 24 18.85 2.76 24.45
CA ARG C 24 17.87 3.83 24.35
C ARG C 24 17.46 4.06 22.91
N THR C 25 18.43 3.97 22.00
CA THR C 25 18.16 4.06 20.56
C THR C 25 19.32 3.42 19.82
N LEU C 26 19.04 2.90 18.64
CA LEU C 26 20.06 2.37 17.76
C LEU C 26 20.43 3.33 16.66
N ARG C 27 19.90 4.55 16.67
CA ARG C 27 20.22 5.55 15.66
C ARG C 27 21.66 6.00 15.80
N THR C 28 22.33 6.15 14.66
CA THR C 28 23.73 6.52 14.61
C THR C 28 23.93 7.94 14.09
N ASP C 29 22.86 8.68 13.85
CA ASP C 29 22.97 10.02 13.30
C ASP C 29 22.99 11.05 14.42
N ARG C 30 22.91 12.32 14.05
CA ARG C 30 23.01 13.42 15.00
C ARG C 30 21.62 13.92 15.39
N TRP C 31 20.84 13.00 15.96
CA TRP C 31 19.42 13.23 16.22
C TRP C 31 19.15 14.29 17.27
N TRP C 32 20.16 14.68 18.04
CA TRP C 32 19.99 15.68 19.09
C TRP C 32 20.25 17.10 18.61
N GLN C 33 20.33 17.31 17.29
CA GLN C 33 20.69 18.63 16.79
C GLN C 33 19.46 19.51 16.65
N ALA C 34 18.35 18.94 16.18
CA ALA C 34 17.13 19.73 16.02
C ALA C 34 16.58 20.24 17.34
N PRO C 35 16.45 19.44 18.40
CA PRO C 35 15.99 20.00 19.67
C PRO C 35 16.90 21.08 20.22
N LEU C 36 18.22 20.93 20.05
CA LEU C 36 19.15 21.94 20.52
C LEU C 36 18.97 23.25 19.78
N LEU C 37 18.82 23.19 18.46
CA LEU C 37 18.61 24.41 17.68
C LEU C 37 17.28 25.06 18.03
N THR C 38 16.24 24.26 18.21
CA THR C 38 14.95 24.80 18.62
C THR C 38 15.05 25.50 19.97
N ASN C 39 15.72 24.87 20.93
CA ASN C 39 15.89 25.47 22.24
C ASN C 39 16.63 26.80 22.14
N LEU C 40 17.72 26.83 21.38
CA LEU C 40 18.51 28.05 21.28
C LEU C 40 17.72 29.17 20.61
N GLY C 41 16.98 28.84 19.54
CA GLY C 41 16.19 29.87 18.88
C GLY C 41 15.09 30.42 19.78
N LEU C 42 14.34 29.53 20.43
CA LEU C 42 13.27 29.99 21.31
C LEU C 42 13.82 30.80 22.46
N ALA C 43 14.93 30.37 23.05
CA ALA C 43 15.51 31.09 24.18
C ALA C 43 15.98 32.47 23.76
N ALA C 44 16.68 32.55 22.63
CA ALA C 44 17.14 33.85 22.14
C ALA C 44 15.97 34.78 21.91
N PHE C 45 14.92 34.30 21.25
CA PHE C 45 13.79 35.18 20.97
C PHE C 45 13.13 35.64 22.26
N VAL C 46 12.88 34.72 23.20
CA VAL C 46 12.17 35.11 24.42
C VAL C 46 13.00 36.09 25.23
N ILE C 47 14.31 35.88 25.32
CA ILE C 47 15.17 36.82 26.04
C ILE C 47 15.09 38.19 25.39
N TYR C 48 15.24 38.25 24.07
CA TYR C 48 15.21 39.54 23.39
C TYR C 48 13.88 40.25 23.61
N ALA C 49 12.78 39.52 23.41
CA ALA C 49 11.46 40.12 23.53
C ALA C 49 11.20 40.63 24.92
N THR C 50 11.56 39.84 25.94
CA THR C 50 11.29 40.25 27.31
C THR C 50 12.18 41.39 27.76
N ILE C 51 13.36 41.56 27.16
CA ILE C 51 14.18 42.71 27.51
C ILE C 51 13.65 43.96 26.82
N ARG C 52 13.31 43.84 25.53
CA ARG C 52 12.90 45.01 24.77
C ARG C 52 11.54 45.52 25.20
N ALA C 53 10.58 44.61 25.43
CA ALA C 53 9.25 45.04 25.81
C ALA C 53 9.24 45.76 27.15
N PHE C 54 10.21 45.46 28.02
CA PHE C 54 10.28 46.05 29.34
C PHE C 54 11.29 47.18 29.44
N TRP C 55 12.09 47.41 28.39
CA TRP C 55 13.03 48.52 28.43
C TRP C 55 12.32 49.85 28.67
N GLY C 56 11.33 50.15 27.84
CA GLY C 56 10.54 51.34 28.07
C GLY C 56 11.05 52.57 27.38
N SER C 57 11.70 52.41 26.24
CA SER C 57 12.27 53.54 25.51
C SER C 57 12.62 53.05 24.11
N ALA C 58 12.98 54.01 23.25
CA ALA C 58 13.44 53.72 21.89
C ALA C 58 12.43 52.88 21.13
N TYR C 59 11.17 53.32 21.10
CA TYR C 59 10.13 52.63 20.36
C TYR C 59 9.35 53.50 19.40
N TRP C 60 9.62 54.80 19.33
CA TRP C 60 8.77 55.73 18.59
C TRP C 60 9.66 56.79 17.94
N VAL C 61 9.62 56.85 16.61
CA VAL C 61 10.24 57.93 15.85
C VAL C 61 9.19 59.00 15.62
N ALA C 62 9.31 60.13 16.30
CA ALA C 62 8.26 61.13 16.27
C ALA C 62 8.19 61.88 14.95
N ASP C 63 9.16 61.69 14.06
CA ASP C 63 9.17 62.38 12.77
C ASP C 63 8.48 61.56 11.70
N TYR C 64 8.98 60.36 11.46
CA TYR C 64 8.46 59.50 10.41
C TYR C 64 7.47 58.49 10.93
N HIS C 65 7.08 58.58 12.20
CA HIS C 65 5.98 57.84 12.80
C HIS C 65 6.17 56.33 12.66
N TYR C 66 7.29 55.85 13.17
CA TYR C 66 7.52 54.42 13.31
C TYR C 66 7.18 53.99 14.73
N LEU C 67 6.55 52.82 14.85
CA LEU C 67 6.24 52.24 16.14
C LEU C 67 6.56 50.75 16.10
N THR C 68 7.17 50.26 17.16
CA THR C 68 7.58 48.87 17.21
C THR C 68 6.36 47.97 17.39
N PRO C 69 6.35 46.78 16.78
CA PRO C 69 5.29 45.81 17.10
C PRO C 69 5.25 45.43 18.57
N PHE C 70 6.39 45.48 19.27
CA PHE C 70 6.43 45.20 20.70
C PHE C 70 5.77 46.29 21.54
N TYR C 71 5.28 47.35 20.90
CA TYR C 71 4.54 48.41 21.58
C TYR C 71 3.31 48.78 20.77
N SER C 72 2.59 47.77 20.25
CA SER C 72 1.66 48.02 19.16
C SER C 72 0.48 48.90 19.58
N PRO C 73 -0.41 48.49 20.50
CA PRO C 73 -1.33 49.48 21.06
C PRO C 73 -0.74 50.16 22.29
N CYS C 74 -0.52 51.47 22.21
CA CYS C 74 0.08 52.24 23.30
C CYS C 74 -1.03 53.02 23.99
N VAL C 75 -1.50 52.50 25.12
CA VAL C 75 -2.73 52.99 25.74
C VAL C 75 -2.44 53.66 27.07
N SER C 76 -1.24 54.19 27.24
CA SER C 76 -0.85 54.87 28.46
C SER C 76 -0.65 56.35 28.18
N THR C 77 -0.77 57.16 29.22
CA THR C 77 -0.38 58.56 29.11
C THR C 77 1.11 58.76 29.30
N ALA C 78 1.85 57.69 29.58
CA ALA C 78 3.30 57.74 29.69
C ALA C 78 3.98 57.52 28.34
N CYS C 79 3.23 57.47 27.26
CA CYS C 79 3.80 57.19 25.95
C CYS C 79 4.30 58.47 25.30
N ALA C 80 5.17 58.30 24.30
CA ALA C 80 5.77 59.44 23.61
C ALA C 80 4.71 60.17 22.80
N PRO C 81 4.57 61.49 22.97
CA PRO C 81 3.44 62.21 22.36
C PRO C 81 3.29 61.98 20.86
N GLY C 82 2.19 61.34 20.50
CA GLY C 82 1.93 60.89 19.15
C GLY C 82 1.85 59.39 19.03
N SER C 83 2.27 58.64 20.05
CA SER C 83 2.39 57.20 19.92
C SER C 83 1.03 56.52 19.95
N SER C 84 0.12 56.99 20.80
CA SER C 84 -1.18 56.36 20.96
C SER C 84 -2.03 56.64 19.73
N HIS C 85 -2.43 55.58 19.02
CA HIS C 85 -3.26 55.71 17.84
C HIS C 85 -4.72 55.37 18.12
N PHE C 86 -5.03 54.84 19.30
CA PHE C 86 -6.37 54.48 19.69
C PHE C 86 -6.83 55.17 20.96
N GLY C 87 -6.02 56.05 21.53
CA GLY C 87 -6.41 56.74 22.73
C GLY C 87 -5.56 56.31 23.92
N GLN C 88 -5.45 57.21 24.89
CA GLN C 88 -4.69 56.98 26.11
C GLN C 88 -5.65 56.73 27.26
N TRP C 89 -5.66 55.49 27.76
CA TRP C 89 -6.69 55.03 28.69
C TRP C 89 -6.23 54.86 30.13
N VAL C 90 -5.03 54.32 30.37
CA VAL C 90 -4.65 53.87 31.70
C VAL C 90 -3.37 54.59 32.12
N GLY C 91 -3.53 55.76 32.73
CA GLY C 91 -2.55 56.40 33.58
C GLY C 91 -1.09 56.20 33.25
N ASP C 92 -0.32 55.78 34.25
CA ASP C 92 1.05 55.31 34.07
C ASP C 92 1.19 53.98 34.77
N LEU C 93 2.05 53.15 34.24
CA LEU C 93 2.11 51.77 34.73
C LEU C 93 3.28 51.57 35.69
N PRO C 94 3.15 50.61 36.63
CA PRO C 94 4.14 50.42 37.69
C PRO C 94 5.36 49.58 37.32
N TRP C 95 5.97 49.90 36.19
CA TRP C 95 7.32 49.48 35.81
C TRP C 95 7.50 47.98 35.62
N PHE C 96 6.49 47.17 35.96
CA PHE C 96 6.54 45.75 35.66
C PHE C 96 5.37 45.29 34.83
N ILE C 97 4.52 46.21 34.40
CA ILE C 97 3.52 45.96 33.37
C ILE C 97 4.06 46.54 32.07
N PRO C 98 4.31 45.74 31.05
CA PRO C 98 4.90 46.28 29.82
C PRO C 98 3.98 47.32 29.20
N MET C 99 4.58 48.27 28.49
CA MET C 99 3.81 49.34 27.87
C MET C 99 2.83 48.83 26.82
N ALA C 100 3.00 47.60 26.34
CA ALA C 100 2.07 46.98 25.41
C ALA C 100 1.34 45.80 26.04
N PHE C 101 0.93 45.97 27.29
CA PHE C 101 0.27 44.88 28.02
C PHE C 101 -1.03 44.43 27.37
N ILE C 102 -1.53 45.17 26.38
CA ILE C 102 -2.77 44.80 25.73
C ILE C 102 -2.55 43.65 24.76
N SER C 103 -1.50 43.74 23.94
CA SER C 103 -1.32 42.82 22.82
C SER C 103 -0.30 41.74 23.08
N LEU C 104 0.74 42.01 23.86
CA LEU C 104 1.79 41.02 24.04
C LEU C 104 1.33 39.77 24.76
N PRO C 105 0.49 39.83 25.80
CA PRO C 105 -0.08 38.57 26.33
C PRO C 105 -0.79 37.75 25.28
N PHE C 106 -1.56 38.39 24.40
CA PHE C 106 -2.34 37.65 23.43
C PHE C 106 -1.46 37.05 22.35
N LEU C 107 -0.42 37.77 21.93
CA LEU C 107 0.50 37.21 20.94
C LEU C 107 1.30 36.07 21.53
N LEU C 108 1.72 36.20 22.79
CA LEU C 108 2.42 35.11 23.45
C LEU C 108 1.54 33.88 23.59
N ALA C 109 0.26 34.08 23.94
CA ALA C 109 -0.65 32.95 24.04
C ALA C 109 -0.92 32.32 22.67
N PHE C 110 -1.05 33.15 21.64
CA PHE C 110 -1.30 32.64 20.30
C PHE C 110 -0.14 31.78 19.82
N ARG C 111 1.09 32.22 20.06
CA ARG C 111 2.23 31.43 19.63
C ARG C 111 2.49 30.26 20.57
N LEU C 112 2.04 30.35 21.82
CA LEU C 112 2.23 29.26 22.76
C LEU C 112 1.31 28.09 22.43
N THR C 113 0.04 28.38 22.17
CA THR C 113 -0.91 27.33 21.81
C THR C 113 -0.99 27.16 20.30
N CYS C 114 0.16 27.05 19.65
CA CYS C 114 0.22 26.84 18.21
C CYS C 114 0.50 25.36 17.96
N TYR C 115 -0.16 24.77 16.97
CA TYR C 115 0.05 23.36 16.70
C TYR C 115 1.48 23.07 16.26
N TYR C 116 2.19 24.05 15.73
CA TYR C 116 3.59 23.83 15.39
C TYR C 116 4.50 24.04 16.60
N TYR C 117 4.37 25.20 17.26
CA TYR C 117 5.18 25.46 18.44
C TYR C 117 4.99 24.38 19.50
N ARG C 118 3.78 23.84 19.61
CA ARG C 118 3.54 22.75 20.55
C ARG C 118 4.42 21.56 20.23
N LYS C 119 4.45 21.13 18.98
CA LYS C 119 5.37 20.06 18.58
C LYS C 119 6.80 20.42 18.94
N ALA C 120 7.21 21.64 18.63
CA ALA C 120 8.60 22.06 18.86
C ALA C 120 8.98 21.92 20.31
N TYR C 121 8.20 22.49 21.23
CA TYR C 121 8.64 22.44 22.61
C TYR C 121 8.26 21.14 23.31
N TYR C 122 7.27 20.40 22.84
CA TYR C 122 7.07 19.05 23.37
C TYR C 122 8.27 18.18 23.07
N ARG C 123 8.87 18.34 21.89
CA ARG C 123 10.08 17.59 21.59
C ARG C 123 11.28 18.13 22.36
N SER C 124 11.44 19.46 22.41
CA SER C 124 12.65 20.05 22.94
C SER C 124 12.66 20.09 24.46
N VAL C 125 11.67 20.74 25.07
CA VAL C 125 11.69 21.00 26.49
C VAL C 125 11.17 19.80 27.26
N TRP C 126 9.95 19.36 26.93
CA TRP C 126 9.29 18.33 27.73
C TRP C 126 9.88 16.95 27.53
N GLN C 127 10.76 16.77 26.55
CA GLN C 127 11.45 15.51 26.29
C GLN C 127 10.52 14.39 25.89
N SER C 128 9.22 14.66 25.77
CA SER C 128 8.41 13.85 24.90
C SER C 128 9.09 13.85 23.53
N PRO C 129 8.92 12.80 22.75
CA PRO C 129 10.09 12.21 22.06
C PRO C 129 11.11 13.24 21.61
N THR C 130 12.32 13.17 22.14
CA THR C 130 13.36 14.08 21.69
C THR C 130 13.60 13.92 20.21
N ALA C 131 13.76 12.68 19.75
CA ALA C 131 13.81 12.38 18.34
C ALA C 131 12.71 11.36 18.03
N CYS C 132 12.68 10.85 16.80
CA CYS C 132 11.56 10.04 16.37
C CYS C 132 11.47 8.73 17.14
N ALA C 133 12.56 7.96 17.19
CA ALA C 133 12.53 6.64 17.78
C ALA C 133 13.59 6.51 18.86
N VAL C 134 13.64 7.49 19.76
CA VAL C 134 14.57 7.48 20.89
C VAL C 134 13.74 7.35 22.16
N ALA C 135 14.22 6.49 23.07
CA ALA C 135 13.45 6.14 24.25
C ALA C 135 13.17 7.36 25.12
N GLU C 136 11.88 7.57 25.39
CA GLU C 136 11.45 8.71 26.20
C GLU C 136 11.92 8.56 27.63
N PRO C 137 12.38 9.63 28.27
CA PRO C 137 12.84 9.53 29.67
C PRO C 137 11.72 9.50 30.71
N HIS C 138 10.47 9.72 30.32
CA HIS C 138 9.35 9.77 31.25
C HIS C 138 8.73 8.38 31.41
N ALA C 139 8.27 8.10 32.63
CA ALA C 139 7.67 6.80 32.90
C ALA C 139 6.18 6.76 32.58
N LYS C 140 5.45 7.79 33.00
CA LYS C 140 4.02 7.90 32.76
C LYS C 140 3.73 9.06 31.83
N TYR C 141 2.66 8.92 31.05
CA TYR C 141 2.29 9.89 30.03
C TYR C 141 0.79 9.96 29.92
N THR C 142 0.23 11.17 29.90
CA THR C 142 -1.20 11.38 29.77
C THR C 142 -1.57 12.24 28.58
N GLY C 143 -0.60 12.75 27.83
CA GLY C 143 -0.89 13.55 26.66
C GLY C 143 -1.59 14.85 27.02
N GLU C 144 -2.38 15.35 26.07
CA GLU C 144 -3.20 16.52 26.29
C GLU C 144 -4.58 16.15 26.80
N THR C 145 -4.64 15.34 27.84
CA THR C 145 -5.91 14.88 28.39
C THR C 145 -6.18 15.37 29.79
N ARG C 146 -5.16 15.68 30.58
CA ARG C 146 -5.34 16.14 31.94
C ARG C 146 -5.47 17.67 31.93
N PHE C 147 -5.42 18.29 33.11
CA PHE C 147 -5.87 19.69 33.20
C PHE C 147 -4.96 20.65 32.44
N PRO C 148 -3.70 20.86 32.81
CA PRO C 148 -2.98 22.01 32.25
C PRO C 148 -2.83 21.95 30.74
N LEU C 149 -2.87 20.77 30.14
CA LEU C 149 -2.68 20.61 28.72
C LEU C 149 -3.97 20.40 27.95
N ILE C 150 -5.10 20.24 28.63
CA ILE C 150 -6.39 20.25 27.95
C ILE C 150 -6.76 21.65 27.48
N LEU C 151 -6.07 22.67 27.98
CA LEU C 151 -6.32 24.05 27.64
C LEU C 151 -5.67 24.46 26.32
N GLN C 152 -4.95 23.56 25.65
CA GLN C 152 -4.38 23.91 24.37
C GLN C 152 -5.41 23.93 23.25
N ASN C 153 -6.63 23.48 23.52
CA ASN C 153 -7.68 23.44 22.51
C ASN C 153 -8.36 24.78 22.32
N ILE C 154 -7.92 25.81 23.04
CA ILE C 154 -8.52 27.14 22.91
C ILE C 154 -7.67 27.96 21.96
N HIS C 155 -6.87 27.28 21.14
CA HIS C 155 -6.07 27.98 20.14
C HIS C 155 -6.94 28.79 19.21
N ARG C 156 -8.16 28.33 18.93
CA ARG C 156 -9.02 29.00 17.96
C ARG C 156 -9.51 30.35 18.43
N TYR C 157 -9.36 30.69 19.71
CA TYR C 157 -9.77 32.00 20.20
C TYR C 157 -8.60 32.96 20.23
N PHE C 158 -7.41 32.45 20.53
CA PHE C 158 -6.21 33.23 20.31
C PHE C 158 -5.97 33.47 18.83
N PHE C 159 -6.55 32.65 17.96
CA PHE C 159 -6.51 32.96 16.53
C PHE C 159 -7.31 34.21 16.21
N TYR C 160 -8.51 34.35 16.79
CA TYR C 160 -9.28 35.57 16.60
C TYR C 160 -8.56 36.78 17.20
N ALA C 161 -7.99 36.60 18.39
CA ALA C 161 -7.18 37.67 18.97
C ALA C 161 -6.05 38.06 18.05
N ALA C 162 -5.41 37.08 17.40
CA ALA C 162 -4.31 37.36 16.50
C ALA C 162 -4.78 38.10 15.26
N VAL C 163 -5.97 37.76 14.77
CA VAL C 163 -6.54 38.52 13.66
C VAL C 163 -6.69 39.99 14.04
N LEU C 164 -7.23 40.25 15.23
CA LEU C 164 -7.43 41.64 15.64
C LEU C 164 -6.10 42.36 15.84
N ILE C 165 -5.12 41.68 16.43
CA ILE C 165 -3.82 42.31 16.64
C ILE C 165 -3.13 42.58 15.31
N SER C 166 -3.31 41.69 14.33
CA SER C 166 -2.76 41.94 13.01
C SER C 166 -3.43 43.12 12.33
N LEU C 167 -4.72 43.32 12.58
CA LEU C 167 -5.38 44.51 12.07
C LEU C 167 -4.81 45.78 12.70
N VAL C 168 -4.53 45.74 14.00
CA VAL C 168 -3.91 46.90 14.65
C VAL C 168 -2.53 47.17 14.07
N ASN C 169 -1.73 46.12 13.89
CA ASN C 169 -0.41 46.28 13.33
C ASN C 169 -0.47 46.81 11.90
N THR C 170 -1.47 46.37 11.13
CA THR C 170 -1.62 46.86 9.76
C THR C 170 -1.97 48.34 9.75
N TYR C 171 -2.84 48.77 10.67
CA TYR C 171 -3.14 50.20 10.75
C TYR C 171 -1.89 50.99 11.08
N ASP C 172 -1.09 50.51 12.04
CA ASP C 172 0.13 51.23 12.40
C ASP C 172 1.07 51.33 11.21
N ALA C 173 1.30 50.20 10.52
CA ALA C 173 2.19 50.20 9.37
C ALA C 173 1.68 51.10 8.26
N ILE C 174 0.35 51.21 8.13
CA ILE C 174 -0.19 52.07 7.09
C ILE C 174 0.04 53.54 7.42
N THR C 175 -0.21 53.93 8.66
CA THR C 175 0.01 55.33 9.02
C THR C 175 1.47 55.67 9.25
N ALA C 176 2.38 54.70 9.18
CA ALA C 176 3.80 54.96 9.31
C ALA C 176 4.42 55.56 8.05
N PHE C 177 3.61 56.00 7.09
CA PHE C 177 4.09 56.53 5.81
C PHE C 177 4.14 58.06 5.81
N HIS C 178 4.53 58.69 6.90
CA HIS C 178 4.46 60.15 7.03
C HIS C 178 5.83 60.72 7.34
N SER C 179 6.40 61.45 6.39
CA SER C 179 7.54 62.31 6.69
C SER C 179 7.02 63.65 7.20
N PRO C 180 7.88 64.46 7.83
CA PRO C 180 7.38 65.74 8.38
C PRO C 180 6.76 66.67 7.36
N SER C 181 7.08 66.51 6.08
CA SER C 181 6.61 67.40 5.04
C SER C 181 5.63 66.70 4.09
N GLY C 182 4.77 65.85 4.65
CA GLY C 182 3.73 65.19 3.87
C GLY C 182 3.95 63.68 3.85
N PHE C 183 3.72 63.09 2.68
CA PHE C 183 3.92 61.66 2.48
C PHE C 183 5.40 61.31 2.70
N GLY C 184 5.67 60.02 2.86
CA GLY C 184 7.03 59.59 3.06
C GLY C 184 7.25 58.14 2.73
N PHE C 185 8.51 57.79 2.55
CA PHE C 185 8.98 56.44 2.30
C PHE C 185 10.26 56.28 3.09
N GLY C 186 11.05 55.25 2.81
CA GLY C 186 12.38 55.28 3.39
C GLY C 186 12.87 54.17 4.29
N LEU C 187 12.56 52.92 3.98
CA LEU C 187 13.19 51.72 4.51
C LEU C 187 12.81 51.42 5.95
N GLY C 188 12.18 52.34 6.67
CA GLY C 188 11.57 51.93 7.91
C GLY C 188 10.23 51.38 7.51
N ASN C 189 9.63 52.05 6.53
CA ASN C 189 8.36 51.60 5.98
C ASN C 189 8.48 50.24 5.32
N VAL C 190 9.60 49.99 4.64
CA VAL C 190 9.78 48.70 3.98
C VAL C 190 9.82 47.58 5.00
N ILE C 191 10.56 47.79 6.10
CA ILE C 191 10.70 46.76 7.11
C ILE C 191 9.39 46.54 7.85
N LEU C 192 8.73 47.63 8.24
CA LEU C 192 7.44 47.52 8.92
C LEU C 192 6.42 46.80 8.04
N THR C 193 6.39 47.15 6.75
CA THR C 193 5.42 46.57 5.85
C THR C 193 5.69 45.09 5.60
N GLY C 194 6.96 44.73 5.40
CA GLY C 194 7.28 43.32 5.25
C GLY C 194 6.95 42.52 6.50
N ASN C 195 7.22 43.09 7.67
CA ASN C 195 6.87 42.42 8.92
C ASN C 195 5.37 42.19 9.02
N VAL C 196 4.58 43.20 8.67
CA VAL C 196 3.12 43.05 8.75
C VAL C 196 2.62 42.01 7.76
N ILE C 197 3.14 42.04 6.53
CA ILE C 197 2.69 41.07 5.53
C ILE C 197 3.02 39.65 5.96
N LEU C 198 4.21 39.44 6.53
CA LEU C 198 4.57 38.10 6.96
C LEU C 198 3.78 37.67 8.19
N LEU C 199 3.45 38.62 9.08
CA LEU C 199 2.56 38.30 10.19
C LEU C 199 1.20 37.84 9.68
N TRP C 200 0.68 38.52 8.66
CA TRP C 200 -0.58 38.11 8.06
C TRP C 200 -0.49 36.72 7.47
N VAL C 201 0.61 36.43 6.77
CA VAL C 201 0.78 35.11 6.15
C VAL C 201 0.82 34.02 7.21
N TYR C 202 1.57 34.26 8.29
CA TYR C 202 1.65 33.28 9.36
C TYR C 202 0.30 33.08 10.04
N THR C 203 -0.44 34.17 10.24
CA THR C 203 -1.75 34.07 10.86
C THR C 203 -2.72 33.28 10.00
N LEU C 204 -2.69 33.51 8.69
CA LEU C 204 -3.57 32.78 7.78
C LEU C 204 -3.08 31.38 7.47
N SER C 205 -1.87 31.03 7.86
CA SER C 205 -1.40 29.65 7.74
C SER C 205 -1.87 28.75 8.87
N CYS C 206 -2.53 29.31 9.88
CA CYS C 206 -2.96 28.55 11.05
C CYS C 206 -3.90 27.37 10.77
N HIS C 207 -3.73 26.28 11.54
CA HIS C 207 -4.59 25.13 11.38
C HIS C 207 -6.02 25.44 11.80
N SER C 208 -6.20 26.36 12.75
CA SER C 208 -7.54 26.75 13.15
C SER C 208 -8.21 27.59 12.07
N CYS C 209 -7.44 28.41 11.35
CA CYS C 209 -7.98 29.09 10.19
C CYS C 209 -8.42 28.09 9.14
N ARG C 210 -7.58 27.09 8.86
CA ARG C 210 -7.89 26.09 7.86
C ARG C 210 -9.15 25.32 8.24
N HIS C 211 -9.41 25.17 9.53
CA HIS C 211 -10.60 24.45 9.97
C HIS C 211 -11.83 25.34 9.93
N VAL C 212 -11.69 26.60 10.35
CA VAL C 212 -12.84 27.47 10.48
C VAL C 212 -13.36 27.91 9.11
N THR C 213 -12.45 28.20 8.17
CA THR C 213 -12.91 28.59 6.85
C THR C 213 -13.69 27.49 6.16
N GLY C 214 -13.04 26.38 5.83
CA GLY C 214 -13.74 25.33 5.12
C GLY C 214 -13.36 23.92 5.53
N GLY C 215 -12.44 23.77 6.47
CA GLY C 215 -12.02 22.44 6.87
C GLY C 215 -13.06 21.64 7.62
N ARG C 216 -14.12 22.28 8.09
CA ARG C 216 -15.15 21.62 8.86
C ARG C 216 -16.35 21.21 8.04
N LEU C 217 -16.31 21.43 6.73
CA LEU C 217 -17.43 21.08 5.87
C LEU C 217 -17.29 19.64 5.40
N LYS C 218 -18.44 19.01 5.14
CA LYS C 218 -18.46 17.67 4.57
C LYS C 218 -18.60 17.69 3.06
N HIS C 219 -19.40 18.60 2.52
CA HIS C 219 -19.61 18.73 1.08
C HIS C 219 -18.94 20.02 0.61
N PHE C 220 -17.86 19.88 -0.14
CA PHE C 220 -17.21 21.04 -0.74
C PHE C 220 -17.92 21.48 -2.01
N SER C 221 -18.50 20.55 -2.75
CA SER C 221 -19.22 20.88 -3.97
C SER C 221 -20.42 21.77 -3.72
N LYS C 222 -20.92 21.79 -2.49
CA LYS C 222 -22.05 22.63 -2.12
C LYS C 222 -21.63 24.02 -1.68
N HIS C 223 -20.33 24.27 -1.55
CA HIS C 223 -19.79 25.55 -1.09
C HIS C 223 -18.63 25.94 -1.98
N PRO C 224 -18.87 26.79 -2.98
CA PRO C 224 -17.81 27.09 -3.94
C PRO C 224 -16.79 28.09 -3.42
N VAL C 225 -17.22 29.05 -2.61
CA VAL C 225 -16.31 30.08 -2.10
C VAL C 225 -15.41 29.51 -1.02
N ARG C 226 -16.01 28.84 -0.04
CA ARG C 226 -15.21 28.29 1.06
C ARG C 226 -14.29 27.18 0.57
N TYR C 227 -14.64 26.49 -0.50
CA TYR C 227 -13.72 25.51 -1.07
C TYR C 227 -12.48 26.20 -1.62
N TRP C 228 -12.65 27.32 -2.30
CA TRP C 228 -11.51 28.08 -2.81
C TRP C 228 -10.64 28.57 -1.66
N ILE C 229 -11.27 29.15 -0.64
CA ILE C 229 -10.51 29.67 0.49
C ILE C 229 -9.77 28.55 1.20
N TRP C 230 -10.41 27.39 1.35
CA TRP C 230 -9.76 26.26 2.00
C TRP C 230 -8.58 25.76 1.18
N THR C 231 -8.72 25.73 -0.14
CA THR C 231 -7.61 25.32 -0.99
C THR C 231 -6.41 26.24 -0.82
N GLN C 232 -6.64 27.55 -0.89
CA GLN C 232 -5.54 28.50 -0.75
C GLN C 232 -4.91 28.43 0.63
N VAL C 233 -5.74 28.35 1.68
CA VAL C 233 -5.21 28.30 3.04
C VAL C 233 -4.45 27.00 3.27
N SER C 234 -4.85 25.91 2.61
CA SER C 234 -4.12 24.66 2.75
C SER C 234 -2.76 24.75 2.07
N LYS C 235 -2.71 25.36 0.88
CA LYS C 235 -1.42 25.60 0.24
C LYS C 235 -0.51 26.44 1.11
N LEU C 236 -1.06 27.46 1.77
CA LEU C 236 -0.25 28.26 2.69
C LEU C 236 0.18 27.45 3.90
N ASN C 237 -0.74 26.65 4.45
CA ASN C 237 -0.51 25.93 5.69
C ASN C 237 0.49 24.80 5.54
N THR C 238 0.70 24.30 4.32
CA THR C 238 1.73 23.28 4.12
C THR C 238 3.11 23.76 4.58
N ARG C 239 3.30 25.06 4.78
CA ARG C 239 4.57 25.63 5.23
C ARG C 239 4.37 26.49 6.46
N HIS C 240 3.57 26.01 7.41
CA HIS C 240 3.35 26.76 8.64
C HIS C 240 4.63 26.82 9.48
N MET C 241 5.46 25.78 9.40
CA MET C 241 6.70 25.76 10.18
C MET C 241 7.65 26.86 9.73
N LEU C 242 7.71 27.12 8.43
CA LEU C 242 8.62 28.15 7.92
C LEU C 242 8.22 29.53 8.42
N PHE C 243 6.92 29.84 8.36
CA PHE C 243 6.48 31.20 8.63
C PHE C 243 6.58 31.55 10.11
N ALA C 244 6.49 30.57 11.01
CA ALA C 244 6.69 30.85 12.43
C ALA C 244 8.06 31.44 12.68
N TRP C 245 9.11 30.74 12.22
CA TRP C 245 10.47 31.23 12.39
C TRP C 245 10.70 32.51 11.59
N ILE C 246 10.15 32.58 10.39
CA ILE C 246 10.34 33.78 9.58
C ILE C 246 9.78 35.00 10.28
N THR C 247 8.61 34.86 10.91
CA THR C 247 7.98 36.00 11.56
C THR C 247 8.68 36.33 12.87
N LEU C 248 9.20 35.34 13.58
CA LEU C 248 10.07 35.65 14.73
C LEU C 248 11.25 36.49 14.29
N GLY C 249 11.90 36.09 13.20
CA GLY C 249 13.04 36.84 12.72
C GLY C 249 12.69 38.24 12.27
N THR C 250 11.55 38.39 11.57
CA THR C 250 11.16 39.72 11.11
C THR C 250 10.77 40.61 12.28
N LEU C 251 10.14 40.04 13.31
CA LEU C 251 9.84 40.83 14.50
C LEU C 251 11.12 41.34 15.14
N VAL C 252 12.11 40.46 15.30
CA VAL C 252 13.38 40.88 15.90
C VAL C 252 14.04 41.96 15.05
N LEU C 253 14.07 41.77 13.73
CA LEU C 253 14.76 42.73 12.87
C LEU C 253 14.05 44.08 12.86
N THR C 254 12.71 44.07 12.83
CA THR C 254 11.96 45.31 12.84
C THR C 254 12.18 46.07 14.13
N ASP C 255 12.03 45.38 15.27
CA ASP C 255 12.23 46.06 16.54
C ASP C 255 13.65 46.59 16.65
N PHE C 256 14.64 45.84 16.17
CA PHE C 256 16.02 46.28 16.25
C PHE C 256 16.25 47.53 15.43
N TYR C 257 15.78 47.53 14.18
CA TYR C 257 15.98 48.68 13.32
C TYR C 257 15.29 49.92 13.89
N ILE C 258 14.06 49.76 14.40
CA ILE C 258 13.36 50.91 14.96
C ILE C 258 14.07 51.43 16.20
N MET C 259 14.57 50.52 17.05
CA MET C 259 15.28 50.98 18.24
C MET C 259 16.53 51.76 17.85
N LEU C 260 17.27 51.27 16.87
CA LEU C 260 18.47 51.97 16.42
C LEU C 260 18.11 53.36 15.88
N VAL C 261 17.01 53.46 15.15
CA VAL C 261 16.64 54.75 14.56
C VAL C 261 16.12 55.71 15.64
N ALA C 262 15.44 55.19 16.65
CA ALA C 262 14.92 56.05 17.71
C ALA C 262 16.05 56.57 18.59
N SER C 263 16.98 55.70 18.97
CA SER C 263 18.09 56.16 19.79
C SER C 263 19.11 56.94 18.98
N GLY C 264 19.82 56.29 18.05
CA GLY C 264 20.60 57.06 17.10
C GLY C 264 21.20 56.27 15.94
N THR C 265 20.80 56.69 14.75
CA THR C 265 21.28 56.36 13.41
C THR C 265 20.34 57.15 12.51
N ILE C 266 20.61 57.16 11.22
CA ILE C 266 19.71 57.89 10.33
C ILE C 266 18.90 56.90 9.51
N SER C 267 17.76 57.38 9.02
CA SER C 267 16.63 56.55 8.66
C SER C 267 16.48 56.25 7.17
N ASP C 268 17.36 56.77 6.32
CA ASP C 268 17.46 56.32 4.92
C ASP C 268 16.18 56.61 4.14
N LEU C 269 15.76 57.86 4.15
CA LEU C 269 14.48 58.22 3.58
C LEU C 269 14.56 58.64 2.13
N ARG C 270 13.40 58.51 1.46
CA ARG C 270 13.20 58.94 0.09
C ARG C 270 12.33 60.19 -0.04
N PHE C 271 11.65 60.59 1.02
CA PHE C 271 10.91 61.84 1.04
C PHE C 271 11.40 62.72 2.19
N ILE C 272 11.45 64.03 1.92
CA ILE C 272 12.26 64.93 2.73
C ILE C 272 11.77 64.99 4.16
N GLY C 273 12.60 65.57 5.02
CA GLY C 273 12.24 65.84 6.40
C GLY C 273 12.29 67.32 6.67
#